data_4R6I
#
_entry.id   4R6I
#
_cell.length_a   130.460
_cell.length_b   135.167
_cell.length_c   180.908
_cell.angle_alpha   90.00
_cell.angle_beta   90.00
_cell.angle_gamma   90.00
#
_symmetry.space_group_name_H-M   'I 2 2 2'
#
loop_
_entity.id
_entity.type
_entity.pdbx_description
1 polymer 'Anthrax toxin expression trans-acting positive regulator'
2 non-polymer DODECYL-BETA-D-MALTOSIDE
3 water water
#
_entity_poly.entity_id   1
_entity_poly.type   'polypeptide(L)'
_entity_poly.pdbx_seq_one_letter_code
;SNA(MSE)LTPISIEKEHIRLINLLHFINEQNRWFTIKELSDYLQVADKTVRKYLKLLEDEIPPSWNLLVQKGKGIYLKK
PLNESLSFVESKILRKSLNLQICEELVFKKNS(MSE)QSLAQKLHLQVGALYPIINQINYDIQSSHLNIKKKPLEISGRE
QDVRVF(MSE)LRLYCNIPNDYWPFPYINKQNITDLINK(MSE)EKILNVQ(MSE)YTYSKHKLCVLFAITISRLLSGNT
IDNVSGLILVNKNDDHYKTVASITSELQNSFGVTLHETEISFLALALLLSLGNSITTDSNKTLTSYKKTI(MSE)PLAKE
ITKGIEHKLQLGINYDESFLTYVVLIIKKALDKNFIQYYNYNIKFIRHIKQRHPNTFNTIQECISNLNYTVYSHFDCYEI
SLLT(MSE)HFETQR(MSE)LFKNNPKKIYVYTSQGCIHREYISALLEKRYNGLIKIVRNTIINLTNESLQD(MSE)EID
IIISNVNLPIKNIPIVQISEFPTERDFHEIKKII
;
_entity_poly.pdbx_strand_id   A,B
#
# COMPACT_ATOMS: atom_id res chain seq x y z
N LEU A 5 7.85 -10.24 -14.87
CA LEU A 5 6.63 -11.01 -14.67
C LEU A 5 5.54 -10.10 -14.08
N THR A 6 4.33 -10.26 -14.61
CA THR A 6 3.16 -9.57 -14.14
C THR A 6 2.74 -10.26 -12.82
N PRO A 7 2.46 -9.47 -11.76
CA PRO A 7 2.05 -10.04 -10.48
C PRO A 7 0.64 -10.53 -10.57
N ILE A 8 0.45 -11.83 -10.40
CA ILE A 8 -0.85 -12.44 -10.55
C ILE A 8 -1.18 -13.33 -9.38
N SER A 9 -2.46 -13.47 -9.10
CA SER A 9 -2.89 -14.07 -7.86
C SER A 9 -3.80 -15.24 -8.17
N ILE A 10 -3.92 -16.12 -7.20
CA ILE A 10 -4.79 -17.29 -7.37
C ILE A 10 -6.28 -16.93 -7.33
N GLU A 11 -6.62 -15.76 -6.78
CA GLU A 11 -8.03 -15.34 -6.76
C GLU A 11 -8.60 -14.97 -8.14
N LYS A 12 -7.74 -14.55 -9.05
CA LYS A 12 -8.20 -14.02 -10.31
C LYS A 12 -7.85 -14.90 -11.51
N GLU A 13 -7.58 -16.17 -11.25
CA GLU A 13 -7.23 -17.05 -12.33
C GLU A 13 -8.38 -17.07 -13.32
N HIS A 14 -9.59 -17.21 -12.85
CA HIS A 14 -10.70 -17.35 -13.77
C HIS A 14 -10.88 -16.13 -14.62
N ILE A 15 -10.59 -14.96 -14.05
CA ILE A 15 -10.63 -13.71 -14.78
C ILE A 15 -9.61 -13.74 -15.92
N ARG A 16 -8.35 -14.07 -15.62
CA ARG A 16 -7.32 -14.15 -16.64
C ARG A 16 -7.72 -15.14 -17.77
N LEU A 17 -8.28 -16.31 -17.43
CA LEU A 17 -8.65 -17.26 -18.48
C LEU A 17 -9.72 -16.68 -19.37
N ILE A 18 -10.73 -16.04 -18.78
CA ILE A 18 -11.81 -15.50 -19.58
C ILE A 18 -11.29 -14.45 -20.52
N ASN A 19 -10.47 -13.52 -20.02
CA ASN A 19 -9.98 -12.46 -20.90
C ASN A 19 -9.15 -13.06 -22.04
N LEU A 20 -8.30 -14.04 -21.74
CA LEU A 20 -7.46 -14.64 -22.77
C LEU A 20 -8.32 -15.30 -23.82
N LEU A 21 -9.28 -16.10 -23.38
CA LEU A 21 -10.16 -16.78 -24.31
C LEU A 21 -10.82 -15.80 -25.22
N HIS A 22 -11.16 -14.62 -24.70
CA HIS A 22 -11.82 -13.61 -25.52
C HIS A 22 -10.85 -13.06 -26.56
N PHE A 23 -9.61 -12.83 -26.12
CA PHE A 23 -8.53 -12.29 -26.96
C PHE A 23 -8.31 -13.18 -28.16
N ILE A 24 -8.08 -14.46 -27.88
CA ILE A 24 -7.88 -15.49 -28.90
C ILE A 24 -8.96 -15.49 -29.96
N ASN A 25 -10.21 -15.43 -29.52
CA ASN A 25 -11.33 -15.35 -30.46
C ASN A 25 -11.34 -14.05 -31.29
N GLU A 26 -11.24 -12.87 -30.66
CA GLU A 26 -11.35 -11.57 -31.39
C GLU A 26 -10.32 -11.48 -32.47
N GLN A 27 -9.11 -11.91 -32.16
CA GLN A 27 -8.02 -11.93 -33.12
C GLN A 27 -8.21 -13.09 -34.10
N ASN A 28 -8.07 -12.80 -35.38
CA ASN A 28 -8.28 -13.83 -36.41
C ASN A 28 -6.93 -14.26 -36.92
N ARG A 29 -6.21 -14.92 -36.01
CA ARG A 29 -4.82 -15.20 -36.19
C ARG A 29 -4.41 -16.34 -35.33
N TRP A 30 -3.27 -16.92 -35.67
CA TRP A 30 -2.72 -18.04 -34.94
C TRP A 30 -1.99 -17.57 -33.69
N PHE A 31 -2.10 -18.39 -32.63
CA PHE A 31 -1.46 -18.16 -31.34
C PHE A 31 -0.52 -19.31 -31.05
N THR A 32 0.76 -18.98 -30.96
CA THR A 32 1.80 -19.98 -30.61
C THR A 32 1.69 -20.36 -29.12
N ILE A 33 1.98 -21.61 -28.79
CA ILE A 33 2.04 -22.03 -27.39
C ILE A 33 2.98 -21.16 -26.52
N LYS A 34 4.18 -20.93 -27.00
CA LYS A 34 5.07 -19.95 -26.38
C LYS A 34 4.31 -18.65 -26.00
N GLU A 35 3.49 -18.14 -26.90
CA GLU A 35 2.81 -16.85 -26.69
C GLU A 35 1.74 -16.96 -25.60
N LEU A 36 1.01 -18.09 -25.58
CA LEU A 36 -0.02 -18.33 -24.58
C LEU A 36 0.59 -18.55 -23.19
N SER A 37 1.58 -19.43 -23.12
CA SER A 37 2.36 -19.60 -21.91
C SER A 37 2.73 -18.28 -21.27
N ASP A 38 3.14 -17.31 -22.08
CA ASP A 38 3.54 -16.00 -21.61
C ASP A 38 2.43 -15.08 -21.20
N TYR A 39 1.26 -15.19 -21.80
CA TYR A 39 0.11 -14.40 -21.38
C TYR A 39 -0.26 -14.88 -20.01
N LEU A 40 -0.53 -16.17 -19.86
CA LEU A 40 -0.94 -16.75 -18.59
C LEU A 40 0.18 -16.87 -17.55
N GLN A 41 1.44 -16.90 -17.99
CA GLN A 41 2.59 -17.16 -17.13
C GLN A 41 2.56 -18.58 -16.53
N VAL A 42 2.54 -19.56 -17.42
CA VAL A 42 2.52 -20.97 -17.00
C VAL A 42 3.38 -21.82 -17.92
N ALA A 43 3.61 -23.05 -17.49
CA ALA A 43 4.39 -24.03 -18.25
C ALA A 43 3.68 -24.40 -19.54
N ASP A 44 4.45 -24.64 -20.59
CA ASP A 44 3.90 -25.13 -21.85
C ASP A 44 2.96 -26.31 -21.67
N LYS A 45 3.32 -27.21 -20.76
CA LYS A 45 2.50 -28.37 -20.43
C LYS A 45 1.15 -27.97 -19.82
N THR A 46 1.13 -26.83 -19.11
CA THR A 46 -0.12 -26.26 -18.57
C THR A 46 -0.93 -25.56 -19.68
N VAL A 47 -0.29 -24.81 -20.55
CA VAL A 47 -1.00 -24.35 -21.72
C VAL A 47 -1.72 -25.53 -22.41
N ARG A 48 -1.04 -26.68 -22.53
CA ARG A 48 -1.65 -27.88 -23.17
C ARG A 48 -2.77 -28.51 -22.39
N LYS A 49 -2.68 -28.59 -21.07
CA LYS A 49 -3.83 -29.06 -20.29
C LYS A 49 -5.08 -28.21 -20.53
N TYR A 50 -4.89 -26.90 -20.74
CA TYR A 50 -5.99 -25.98 -20.95
C TYR A 50 -6.60 -26.12 -22.34
N LEU A 51 -5.74 -26.18 -23.37
CA LEU A 51 -6.20 -26.53 -24.73
C LEU A 51 -6.96 -27.85 -24.74
N LYS A 52 -6.54 -28.80 -23.91
CA LYS A 52 -7.23 -30.07 -23.77
C LYS A 52 -8.66 -29.86 -23.29
N LEU A 53 -8.83 -29.09 -22.22
CA LEU A 53 -10.17 -28.77 -21.73
C LEU A 53 -10.96 -27.97 -22.78
N LEU A 54 -10.29 -27.03 -23.41
CA LEU A 54 -10.94 -26.17 -24.38
C LEU A 54 -11.51 -27.03 -25.50
N GLU A 55 -10.67 -27.84 -26.13
CA GLU A 55 -11.11 -28.70 -27.26
C GLU A 55 -12.26 -29.61 -26.83
N ASP A 56 -12.13 -30.18 -25.65
CA ASP A 56 -13.14 -31.07 -25.13
C ASP A 56 -14.41 -30.39 -24.69
N GLU A 57 -14.43 -29.06 -24.56
CA GLU A 57 -15.63 -28.41 -23.98
C GLU A 57 -16.32 -27.35 -24.87
N ILE A 58 -15.63 -26.93 -25.93
CA ILE A 58 -16.24 -26.34 -27.15
C ILE A 58 -17.56 -27.02 -27.52
N PRO A 59 -18.61 -26.26 -27.85
CA PRO A 59 -19.73 -26.95 -28.48
C PRO A 59 -19.37 -27.26 -29.95
N PRO A 60 -19.96 -28.33 -30.53
CA PRO A 60 -19.53 -28.80 -31.87
C PRO A 60 -19.60 -27.70 -32.93
N SER A 61 -20.54 -26.78 -32.74
CA SER A 61 -20.64 -25.56 -33.52
C SER A 61 -19.29 -24.85 -33.77
N TRP A 62 -18.51 -24.61 -32.72
CA TRP A 62 -17.24 -23.85 -32.87
C TRP A 62 -16.18 -24.79 -33.38
N ASN A 63 -15.10 -24.21 -33.89
CA ASN A 63 -13.96 -24.97 -34.33
C ASN A 63 -12.66 -24.31 -33.85
N LEU A 64 -11.78 -25.14 -33.26
CA LEU A 64 -10.43 -24.69 -32.92
C LEU A 64 -9.39 -25.57 -33.63
N LEU A 65 -8.46 -24.94 -34.32
CA LEU A 65 -7.42 -25.65 -35.02
C LEU A 65 -6.16 -25.72 -34.18
N VAL A 66 -5.46 -26.85 -34.29
CA VAL A 66 -4.09 -26.98 -33.79
C VAL A 66 -3.28 -27.85 -34.75
N GLN A 67 -2.56 -27.22 -35.68
CA GLN A 67 -1.49 -27.89 -36.39
C GLN A 67 -0.24 -27.67 -35.51
N LYS A 68 0.37 -28.77 -35.06
CA LYS A 68 1.45 -28.73 -34.07
C LYS A 68 2.75 -28.21 -34.66
N GLY A 69 2.67 -27.07 -35.34
CA GLY A 69 3.83 -26.27 -35.71
C GLY A 69 3.54 -24.77 -35.63
N LYS A 70 2.28 -24.39 -35.87
CA LYS A 70 1.87 -22.98 -35.86
C LYS A 70 0.99 -22.60 -34.64
N GLY A 71 0.59 -23.58 -33.82
CA GLY A 71 -0.05 -23.29 -32.54
C GLY A 71 -1.54 -23.58 -32.56
N ILE A 72 -2.36 -22.60 -32.16
CA ILE A 72 -3.81 -22.79 -32.18
C ILE A 72 -4.57 -21.63 -32.84
N TYR A 73 -5.81 -21.93 -33.19
CA TYR A 73 -6.70 -20.99 -33.86
C TYR A 73 -8.12 -21.30 -33.39
N LEU A 74 -8.85 -20.26 -32.98
CA LEU A 74 -10.21 -20.45 -32.53
C LEU A 74 -11.15 -19.53 -33.28
N LYS A 75 -12.21 -20.11 -33.82
CA LYS A 75 -13.33 -19.34 -34.35
C LYS A 75 -14.65 -20.01 -34.00
N LYS A 76 -15.52 -19.20 -33.41
CA LYS A 76 -16.91 -19.55 -33.18
C LYS A 76 -17.77 -18.68 -34.09
N PRO A 77 -19.03 -19.06 -34.27
CA PRO A 77 -19.92 -18.20 -35.06
C PRO A 77 -20.20 -16.86 -34.41
N LEU A 78 -20.41 -15.84 -35.24
CA LEU A 78 -20.71 -14.48 -34.78
C LEU A 78 -21.98 -14.34 -33.95
N ASN A 79 -22.95 -15.26 -34.14
CA ASN A 79 -24.22 -15.19 -33.41
C ASN A 79 -24.15 -15.77 -31.98
N GLU A 80 -23.29 -16.76 -31.74
CA GLU A 80 -23.12 -17.30 -30.40
C GLU A 80 -22.23 -16.36 -29.57
N SER A 81 -22.24 -16.53 -28.26
CA SER A 81 -21.30 -15.85 -27.39
C SER A 81 -20.34 -16.89 -26.79
N LEU A 82 -19.31 -16.40 -26.12
CA LEU A 82 -18.35 -17.22 -25.40
C LEU A 82 -18.93 -17.69 -24.07
N SER A 83 -20.16 -17.32 -23.78
CA SER A 83 -20.76 -17.62 -22.49
C SER A 83 -20.65 -19.07 -22.09
N PHE A 84 -20.80 -19.95 -23.07
CA PHE A 84 -20.92 -21.39 -22.83
C PHE A 84 -19.68 -21.95 -22.21
N VAL A 85 -18.51 -21.49 -22.67
CA VAL A 85 -17.23 -21.93 -22.12
C VAL A 85 -16.86 -21.09 -20.91
N GLU A 86 -17.19 -19.80 -20.98
CA GLU A 86 -16.88 -18.88 -19.91
C GLU A 86 -17.51 -19.35 -18.64
N SER A 87 -18.76 -19.81 -18.72
CA SER A 87 -19.47 -20.30 -17.52
C SER A 87 -18.84 -21.55 -16.95
N LYS A 88 -18.33 -22.39 -17.84
CA LYS A 88 -17.68 -23.59 -17.39
C LYS A 88 -16.42 -23.26 -16.60
N ILE A 89 -15.68 -22.26 -17.05
CA ILE A 89 -14.47 -21.84 -16.40
C ILE A 89 -14.77 -21.35 -15.02
N LEU A 90 -15.89 -20.68 -14.87
CA LEU A 90 -16.31 -20.16 -13.59
C LEU A 90 -16.80 -21.25 -12.68
N ARG A 91 -17.63 -22.16 -13.19
CA ARG A 91 -18.26 -23.21 -12.35
C ARG A 91 -17.17 -24.16 -11.84
N LYS A 92 -16.07 -24.25 -12.57
CA LYS A 92 -14.94 -25.06 -12.19
C LYS A 92 -13.92 -24.37 -11.25
N SER A 93 -13.85 -23.05 -11.21
CA SER A 93 -12.78 -22.40 -10.45
C SER A 93 -12.90 -22.64 -8.95
N LEU A 94 -12.00 -23.45 -8.42
CA LEU A 94 -12.00 -23.76 -7.01
C LEU A 94 -11.84 -22.53 -6.09
N ASN A 95 -10.91 -21.66 -6.42
CA ASN A 95 -10.65 -20.50 -5.56
C ASN A 95 -11.82 -19.55 -5.56
N LEU A 96 -12.50 -19.47 -6.70
CA LEU A 96 -13.73 -18.70 -6.78
C LEU A 96 -14.77 -19.21 -5.81
N GLN A 97 -14.94 -20.52 -5.79
CA GLN A 97 -15.93 -21.13 -4.94
C GLN A 97 -15.57 -20.86 -3.48
N ILE A 98 -14.29 -20.94 -3.13
CA ILE A 98 -13.87 -20.71 -1.74
C ILE A 98 -14.18 -19.26 -1.37
N CYS A 99 -13.84 -18.30 -2.23
CA CYS A 99 -14.13 -16.92 -1.92
C CYS A 99 -15.64 -16.76 -1.74
N GLU A 100 -16.44 -17.34 -2.61
CA GLU A 100 -17.93 -17.26 -2.40
C GLU A 100 -18.35 -17.87 -1.06
N GLU A 101 -17.85 -19.07 -0.73
CA GLU A 101 -18.12 -19.68 0.57
C GLU A 101 -17.76 -18.73 1.68
N LEU A 102 -16.55 -18.23 1.67
CA LEU A 102 -16.04 -17.42 2.77
C LEU A 102 -16.83 -16.13 2.94
N VAL A 103 -17.48 -15.66 1.88
CA VAL A 103 -18.20 -14.39 1.93
C VAL A 103 -19.68 -14.60 2.18
N PHE A 104 -20.24 -15.62 1.59
CA PHE A 104 -21.67 -15.83 1.69
C PHE A 104 -22.18 -16.94 2.62
N LYS A 105 -21.34 -17.87 3.06
CA LYS A 105 -21.83 -19.10 3.74
C LYS A 105 -21.28 -19.34 5.13
N LYS A 106 -21.98 -20.14 5.93
CA LYS A 106 -21.49 -20.55 7.26
C LYS A 106 -20.63 -21.78 7.11
N ASN A 107 -19.43 -21.73 7.66
CA ASN A 107 -18.53 -22.86 7.56
C ASN A 107 -17.57 -22.86 8.71
N SER A 108 -17.09 -24.05 9.03
CA SER A 108 -15.84 -24.19 9.75
C SER A 108 -14.81 -24.67 8.72
N GLN A 110 -13.47 -27.45 8.62
CA GLN A 110 -13.70 -28.89 8.31
C GLN A 110 -14.94 -29.02 7.45
N SER A 111 -15.97 -28.29 7.79
CA SER A 111 -17.19 -28.22 6.97
C SER A 111 -16.91 -27.79 5.53
N LEU A 112 -16.11 -26.74 5.36
CA LEU A 112 -15.79 -26.23 4.03
C LEU A 112 -14.93 -27.22 3.26
N ALA A 113 -13.98 -27.83 3.94
CA ALA A 113 -13.15 -28.89 3.35
C ALA A 113 -14.03 -30.05 2.85
N GLN A 114 -15.13 -30.30 3.55
CA GLN A 114 -16.04 -31.37 3.18
C GLN A 114 -16.72 -31.03 1.84
N LYS A 115 -17.43 -29.90 1.77
CA LYS A 115 -18.12 -29.50 0.53
C LYS A 115 -17.23 -29.56 -0.68
N LEU A 116 -15.97 -29.21 -0.52
CA LEU A 116 -15.05 -29.14 -1.64
C LEU A 116 -14.36 -30.45 -1.98
N HIS A 117 -14.60 -31.50 -1.18
CA HIS A 117 -13.94 -32.83 -1.36
C HIS A 117 -12.41 -32.66 -1.30
N LEU A 118 -11.98 -32.07 -0.19
CA LEU A 118 -10.59 -31.80 0.06
C LEU A 118 -10.24 -32.17 1.48
N GLN A 119 -9.00 -32.60 1.63
CA GLN A 119 -8.41 -32.76 2.94
C GLN A 119 -8.18 -31.37 3.52
N VAL A 120 -8.49 -31.19 4.80
CA VAL A 120 -8.11 -29.96 5.51
C VAL A 120 -6.67 -29.52 5.25
N GLY A 121 -5.74 -30.45 5.05
CA GLY A 121 -4.33 -30.09 4.75
C GLY A 121 -4.09 -29.58 3.33
N ALA A 122 -5.11 -29.72 2.48
CA ALA A 122 -5.13 -29.13 1.12
C ALA A 122 -5.84 -27.76 1.04
N LEU A 123 -6.87 -27.58 1.84
CA LEU A 123 -7.62 -26.32 1.95
C LEU A 123 -6.90 -25.20 2.71
N TYR A 124 -6.28 -25.56 3.81
CA TYR A 124 -5.75 -24.57 4.76
C TYR A 124 -4.54 -23.80 4.15
N PRO A 125 -3.69 -24.46 3.37
CA PRO A 125 -2.72 -23.58 2.74
C PRO A 125 -3.35 -22.57 1.79
N ILE A 126 -4.41 -22.97 1.10
CA ILE A 126 -5.08 -22.06 0.16
C ILE A 126 -5.71 -20.88 0.89
N ILE A 127 -6.35 -21.18 2.00
CA ILE A 127 -6.98 -20.19 2.87
C ILE A 127 -5.93 -19.19 3.38
N ASN A 128 -4.78 -19.71 3.76
CA ASN A 128 -3.74 -18.85 4.27
C ASN A 128 -3.25 -17.93 3.18
N GLN A 129 -3.23 -18.45 1.96
CA GLN A 129 -2.71 -17.68 0.84
C GLN A 129 -3.72 -16.60 0.56
N ILE A 130 -5.01 -16.97 0.60
CA ILE A 130 -6.06 -16.03 0.32
C ILE A 130 -6.04 -14.96 1.40
N ASN A 131 -5.84 -15.34 2.64
CA ASN A 131 -5.77 -14.37 3.74
C ASN A 131 -4.61 -13.41 3.49
N TYR A 132 -3.52 -13.93 2.95
CA TYR A 132 -2.38 -13.10 2.68
C TYR A 132 -2.66 -12.12 1.53
N ASP A 133 -3.28 -12.61 0.48
CA ASP A 133 -3.52 -11.81 -0.72
C ASP A 133 -4.46 -10.64 -0.43
N ILE A 134 -5.46 -10.88 0.43
CA ILE A 134 -6.46 -9.85 0.66
C ILE A 134 -6.05 -8.82 1.69
N GLN A 135 -4.85 -8.90 2.27
CA GLN A 135 -4.47 -7.87 3.23
C GLN A 135 -4.42 -6.48 2.56
N SER A 136 -3.92 -6.42 1.33
CA SER A 136 -3.91 -5.20 0.57
C SER A 136 -5.35 -4.66 0.27
N SER A 137 -6.35 -5.50 0.46
CA SER A 137 -7.73 -5.06 0.33
C SER A 137 -8.38 -4.68 1.65
N HIS A 138 -7.62 -4.60 2.73
CA HIS A 138 -8.18 -4.33 4.09
C HIS A 138 -9.20 -5.38 4.53
N LEU A 139 -9.00 -6.62 4.10
CA LEU A 139 -9.83 -7.74 4.55
C LEU A 139 -9.00 -8.73 5.39
N ASN A 140 -9.70 -9.62 6.06
CA ASN A 140 -9.10 -10.67 6.85
C ASN A 140 -9.95 -11.90 6.78
N ILE A 141 -9.38 -13.03 7.14
CA ILE A 141 -10.20 -14.21 7.27
C ILE A 141 -10.17 -14.51 8.73
N LYS A 142 -11.31 -14.43 9.40
CA LYS A 142 -11.36 -14.94 10.76
C LYS A 142 -11.66 -16.41 10.80
N LYS A 143 -11.27 -17.03 11.89
CA LYS A 143 -11.17 -18.48 11.99
C LYS A 143 -12.46 -19.17 12.43
N LYS A 144 -13.28 -18.51 13.26
CA LYS A 144 -14.48 -19.16 13.83
C LYS A 144 -15.59 -18.15 14.07
N PRO A 145 -16.65 -18.22 13.24
CA PRO A 145 -16.76 -19.06 12.05
C PRO A 145 -15.77 -18.66 10.94
N LEU A 146 -15.55 -19.57 10.00
CA LEU A 146 -14.61 -19.31 8.93
C LEU A 146 -15.26 -18.39 7.90
N GLU A 147 -14.79 -17.14 7.86
CA GLU A 147 -15.30 -16.15 6.92
C GLU A 147 -14.34 -15.00 6.68
N ILE A 148 -14.60 -14.29 5.59
CA ILE A 148 -13.90 -13.07 5.27
C ILE A 148 -14.58 -11.99 6.09
N SER A 149 -13.81 -11.08 6.64
CA SER A 149 -14.34 -9.94 7.36
C SER A 149 -13.62 -8.65 6.96
N GLY A 150 -14.26 -7.55 7.29
CA GLY A 150 -13.77 -6.23 6.94
C GLY A 150 -14.95 -5.29 6.84
N ARG A 151 -14.68 -4.06 6.48
CA ARG A 151 -15.72 -3.07 6.25
C ARG A 151 -16.69 -3.69 5.26
N GLU A 152 -17.99 -3.63 5.54
CA GLU A 152 -18.97 -4.33 4.71
C GLU A 152 -18.88 -3.92 3.25
N GLN A 153 -18.86 -2.64 2.96
CA GLN A 153 -18.82 -2.26 1.57
C GLN A 153 -17.55 -2.80 0.86
N ASP A 154 -16.45 -2.95 1.60
CA ASP A 154 -15.18 -3.51 1.05
C ASP A 154 -15.36 -5.01 0.72
N VAL A 155 -16.06 -5.72 1.59
CA VAL A 155 -16.33 -7.12 1.36
C VAL A 155 -17.15 -7.30 0.07
N ARG A 156 -18.18 -6.49 -0.12
CA ARG A 156 -19.08 -6.57 -1.30
C ARG A 156 -18.44 -6.24 -2.62
N VAL A 157 -17.63 -5.20 -2.61
CA VAL A 157 -16.90 -4.81 -3.80
C VAL A 157 -15.87 -5.87 -4.17
N PHE A 158 -15.19 -6.44 -3.18
CA PHE A 158 -14.32 -7.60 -3.41
C PHE A 158 -15.01 -8.69 -4.20
N LEU A 160 -17.78 -8.34 -5.92
CA LEU A 160 -18.12 -7.81 -7.24
C LEU A 160 -16.94 -7.75 -8.20
N ARG A 161 -15.74 -7.45 -7.71
CA ARG A 161 -14.58 -7.35 -8.57
C ARG A 161 -14.15 -8.70 -9.10
N LEU A 162 -14.30 -9.77 -8.32
CA LEU A 162 -14.02 -11.12 -8.79
C LEU A 162 -14.98 -11.54 -9.90
N TYR A 163 -16.12 -10.87 -9.99
CA TYR A 163 -17.05 -11.13 -11.07
C TYR A 163 -16.86 -10.15 -12.22
N CYS A 164 -15.72 -9.47 -12.28
CA CYS A 164 -15.56 -8.38 -13.25
C CYS A 164 -15.85 -8.78 -14.66
N ASN A 165 -15.52 -10.00 -15.08
CA ASN A 165 -15.79 -10.35 -16.49
C ASN A 165 -16.72 -11.56 -16.70
N ILE A 166 -17.63 -11.77 -15.75
CA ILE A 166 -18.66 -12.79 -15.93
C ILE A 166 -19.56 -12.51 -17.13
N PRO A 167 -20.05 -13.57 -17.79
CA PRO A 167 -20.92 -13.35 -18.92
C PRO A 167 -22.25 -12.76 -18.48
N ASN A 168 -23.04 -12.26 -19.43
CA ASN A 168 -24.28 -11.57 -19.10
C ASN A 168 -25.42 -12.46 -18.60
N ASP A 169 -25.28 -13.77 -18.76
CA ASP A 169 -26.33 -14.69 -18.35
C ASP A 169 -25.80 -15.60 -17.26
N TYR A 170 -24.79 -15.14 -16.54
CA TYR A 170 -24.20 -15.95 -15.49
C TYR A 170 -24.68 -15.43 -14.20
N TRP A 171 -25.43 -16.28 -13.48
CA TRP A 171 -26.00 -15.94 -12.22
C TRP A 171 -25.38 -16.81 -11.14
N PRO A 172 -24.53 -16.25 -10.27
CA PRO A 172 -23.87 -17.01 -9.17
C PRO A 172 -24.66 -17.20 -7.87
N PHE A 173 -25.95 -16.90 -7.85
CA PHE A 173 -26.74 -17.05 -6.64
C PHE A 173 -27.92 -17.96 -6.91
N PRO A 174 -27.76 -19.28 -6.68
CA PRO A 174 -28.87 -20.22 -6.81
C PRO A 174 -29.93 -20.12 -5.73
N TYR A 175 -29.67 -19.33 -4.71
CA TYR A 175 -30.59 -19.22 -3.58
C TYR A 175 -31.21 -17.80 -3.56
N ILE A 176 -31.15 -17.13 -4.71
CA ILE A 176 -31.81 -15.85 -4.95
C ILE A 176 -32.37 -15.79 -6.38
N ASN A 177 -33.68 -15.73 -6.50
CA ASN A 177 -34.31 -15.80 -7.81
C ASN A 177 -34.13 -14.50 -8.60
N LYS A 178 -33.49 -14.61 -9.76
CA LYS A 178 -33.03 -13.44 -10.50
C LYS A 178 -34.15 -12.48 -10.80
N GLN A 179 -35.27 -13.01 -11.28
CA GLN A 179 -36.34 -12.16 -11.77
C GLN A 179 -36.83 -11.21 -10.68
N ASN A 180 -36.84 -11.66 -9.45
CA ASN A 180 -37.29 -10.79 -8.37
C ASN A 180 -36.38 -9.57 -8.21
N ILE A 181 -35.14 -9.64 -8.70
CA ILE A 181 -34.26 -8.48 -8.71
C ILE A 181 -34.49 -7.69 -10.00
N THR A 182 -34.51 -8.40 -11.12
CA THR A 182 -34.83 -7.80 -12.40
C THR A 182 -36.14 -6.97 -12.42
N ASP A 183 -37.21 -7.49 -11.82
CA ASP A 183 -38.48 -6.71 -11.76
C ASP A 183 -38.22 -5.32 -11.15
N LEU A 184 -37.47 -5.30 -10.04
CA LEU A 184 -37.16 -4.06 -9.33
C LEU A 184 -36.30 -3.10 -10.16
N ILE A 185 -35.36 -3.64 -10.89
CA ILE A 185 -34.56 -2.86 -11.79
C ILE A 185 -35.38 -2.33 -12.96
N ASN A 186 -36.21 -3.16 -13.58
CA ASN A 186 -37.10 -2.68 -14.66
C ASN A 186 -37.89 -1.46 -14.22
N LYS A 187 -38.39 -1.54 -12.99
CA LYS A 187 -39.17 -0.49 -12.42
C LYS A 187 -38.35 0.80 -12.21
N GLU A 189 -35.54 1.55 -13.91
CA GLU A 189 -35.32 1.98 -15.28
C GLU A 189 -36.50 2.84 -15.78
N LYS A 190 -37.72 2.42 -15.47
CA LYS A 190 -38.90 3.15 -15.89
C LYS A 190 -39.03 4.52 -15.17
N ILE A 191 -38.88 4.53 -13.86
CA ILE A 191 -38.97 5.77 -13.08
C ILE A 191 -37.93 6.78 -13.48
N LEU A 192 -36.71 6.31 -13.76
CA LEU A 192 -35.67 7.24 -14.17
C LEU A 192 -35.74 7.62 -15.63
N ASN A 193 -36.54 6.88 -16.40
CA ASN A 193 -36.70 7.10 -17.84
C ASN A 193 -35.34 7.05 -18.48
N VAL A 194 -34.67 5.95 -18.25
CA VAL A 194 -33.42 5.66 -18.91
C VAL A 194 -33.47 4.24 -19.45
N GLN A 195 -32.52 3.94 -20.33
CA GLN A 195 -32.41 2.61 -20.87
C GLN A 195 -31.00 2.11 -20.60
N TYR A 197 -27.78 -0.73 -20.82
CA TYR A 197 -27.18 -1.79 -21.61
C TYR A 197 -27.44 -3.10 -20.91
N THR A 198 -27.61 -4.17 -21.67
CA THR A 198 -27.79 -5.48 -21.11
C THR A 198 -26.75 -5.78 -20.01
N TYR A 199 -25.46 -5.64 -20.33
CA TYR A 199 -24.47 -6.09 -19.39
C TYR A 199 -24.56 -5.26 -18.13
N SER A 200 -24.63 -3.97 -18.29
CA SER A 200 -24.71 -3.07 -17.15
C SER A 200 -25.78 -3.49 -16.18
N LYS A 201 -26.94 -3.84 -16.73
CA LYS A 201 -28.12 -4.20 -15.97
C LYS A 201 -27.92 -5.49 -15.24
N HIS A 202 -27.42 -6.49 -15.96
CA HIS A 202 -27.08 -7.77 -15.34
C HIS A 202 -26.16 -7.57 -14.14
N LYS A 203 -25.19 -6.68 -14.29
CA LYS A 203 -24.23 -6.49 -13.21
C LYS A 203 -24.81 -5.71 -12.06
N LEU A 204 -25.77 -4.83 -12.35
CA LEU A 204 -26.52 -4.17 -11.25
C LEU A 204 -27.37 -5.18 -10.51
N CYS A 205 -28.01 -6.12 -11.23
CA CYS A 205 -28.69 -7.29 -10.60
C CYS A 205 -27.78 -8.09 -9.72
N VAL A 206 -26.59 -8.44 -10.23
CA VAL A 206 -25.60 -9.19 -9.45
C VAL A 206 -25.23 -8.46 -8.15
N LEU A 207 -24.99 -7.15 -8.22
CA LEU A 207 -24.67 -6.33 -7.02
C LEU A 207 -25.84 -6.26 -6.05
N PHE A 208 -27.06 -6.16 -6.56
CA PHE A 208 -28.26 -6.23 -5.70
C PHE A 208 -28.30 -7.57 -4.93
N ALA A 209 -27.97 -8.67 -5.62
CA ALA A 209 -27.93 -10.00 -5.01
C ALA A 209 -26.78 -10.22 -4.04
N ILE A 210 -25.62 -9.68 -4.32
CA ILE A 210 -24.52 -9.70 -3.38
C ILE A 210 -25.03 -9.03 -2.11
N THR A 211 -25.66 -7.88 -2.27
CA THR A 211 -26.14 -7.12 -1.12
C THR A 211 -27.24 -7.86 -0.36
N ILE A 212 -28.17 -8.45 -1.09
CA ILE A 212 -29.25 -9.18 -0.44
C ILE A 212 -28.70 -10.37 0.34
N SER A 213 -27.83 -11.13 -0.28
CA SER A 213 -27.23 -12.26 0.37
C SER A 213 -26.51 -11.86 1.66
N ARG A 214 -25.79 -10.75 1.63
CA ARG A 214 -25.12 -10.32 2.86
C ARG A 214 -26.10 -9.99 3.96
N LEU A 215 -27.21 -9.32 3.63
CA LEU A 215 -28.23 -8.91 4.61
C LEU A 215 -28.91 -10.15 5.21
N LEU A 216 -29.19 -11.14 4.36
CA LEU A 216 -29.68 -12.45 4.84
C LEU A 216 -28.75 -13.13 5.85
N SER A 217 -27.45 -12.94 5.72
CA SER A 217 -26.47 -13.55 6.63
C SER A 217 -26.25 -12.72 7.89
N GLY A 218 -26.96 -11.60 8.04
CA GLY A 218 -26.72 -10.71 9.19
C GLY A 218 -25.78 -9.52 8.97
N ASN A 219 -25.32 -9.30 7.74
CA ASN A 219 -24.28 -8.31 7.48
C ASN A 219 -24.80 -7.10 6.77
N THR A 220 -24.57 -5.95 7.37
CA THR A 220 -25.15 -4.71 6.87
C THR A 220 -24.19 -3.58 7.11
N ILE A 221 -24.29 -2.53 6.32
CA ILE A 221 -23.39 -1.39 6.44
C ILE A 221 -23.74 -0.58 7.68
N ASP A 222 -22.73 -0.27 8.48
CA ASP A 222 -22.94 0.55 9.69
C ASP A 222 -21.92 1.69 9.78
N ASN A 223 -21.30 2.01 8.64
CA ASN A 223 -20.36 3.13 8.55
C ASN A 223 -20.04 3.47 7.09
N VAL A 224 -20.39 4.69 6.66
CA VAL A 224 -20.06 5.22 5.34
C VAL A 224 -19.11 6.43 5.50
N SER A 225 -17.96 6.41 4.82
CA SER A 225 -16.85 7.37 5.08
C SER A 225 -17.20 8.85 4.81
N GLY A 226 -18.21 9.11 3.98
CA GLY A 226 -18.62 10.49 3.64
C GLY A 226 -18.08 10.98 2.31
N LEU A 227 -16.99 10.38 1.86
CA LEU A 227 -16.32 10.76 0.61
C LEU A 227 -17.18 10.52 -0.65
N ILE A 228 -18.09 9.56 -0.55
CA ILE A 228 -19.05 9.24 -1.62
C ILE A 228 -20.38 8.77 -0.98
N LEU A 229 -21.37 9.65 -0.96
CA LEU A 229 -22.72 9.27 -0.53
C LEU A 229 -23.65 9.77 -1.61
N VAL A 230 -24.70 9.01 -1.90
CA VAL A 230 -25.77 9.52 -2.72
C VAL A 230 -26.64 10.33 -1.77
N ASN A 231 -26.80 11.61 -2.07
CA ASN A 231 -27.66 12.52 -1.32
C ASN A 231 -29.08 11.98 -1.24
N LYS A 232 -29.72 12.04 -0.06
CA LYS A 232 -31.06 11.43 0.12
C LYS A 232 -32.19 12.15 -0.64
N ASN A 233 -31.88 13.29 -1.27
CA ASN A 233 -32.81 14.01 -2.14
C ASN A 233 -32.58 13.73 -3.62
N ASP A 234 -31.50 13.02 -3.91
CA ASP A 234 -31.15 12.70 -5.28
C ASP A 234 -32.24 11.76 -5.82
N ASP A 235 -32.49 11.87 -7.11
CA ASP A 235 -33.41 10.98 -7.78
C ASP A 235 -33.00 9.50 -7.57
N HIS A 236 -31.70 9.23 -7.46
CA HIS A 236 -31.22 7.86 -7.35
C HIS A 236 -31.45 7.24 -5.99
N TYR A 237 -31.23 8.00 -4.91
CA TYR A 237 -31.62 7.49 -3.58
C TYR A 237 -33.08 7.23 -3.57
N LYS A 238 -33.85 8.17 -4.12
CA LYS A 238 -35.29 8.10 -4.02
C LYS A 238 -35.88 7.03 -4.90
N THR A 239 -35.31 6.82 -6.08
CA THR A 239 -35.77 5.72 -6.93
C THR A 239 -35.56 4.33 -6.28
N VAL A 240 -34.42 4.14 -5.59
CA VAL A 240 -34.22 2.91 -4.82
C VAL A 240 -35.19 2.83 -3.67
N ALA A 241 -35.40 3.95 -3.00
CA ALA A 241 -36.34 4.01 -1.87
C ALA A 241 -37.73 3.58 -2.27
N SER A 242 -38.13 3.91 -3.50
CA SER A 242 -39.40 3.46 -4.09
C SER A 242 -39.58 1.94 -4.15
N ILE A 243 -38.50 1.21 -4.46
CA ILE A 243 -38.60 -0.25 -4.61
C ILE A 243 -38.24 -1.00 -3.35
N THR A 244 -37.65 -0.32 -2.39
CA THR A 244 -37.23 -0.93 -1.12
C THR A 244 -38.31 -1.81 -0.44
N SER A 245 -39.57 -1.42 -0.52
CA SER A 245 -40.63 -2.16 0.12
C SER A 245 -40.90 -3.51 -0.58
N GLU A 246 -40.98 -3.50 -1.92
CA GLU A 246 -41.14 -4.75 -2.70
C GLU A 246 -39.97 -5.71 -2.47
N LEU A 247 -38.77 -5.13 -2.37
CA LEU A 247 -37.54 -5.87 -2.11
C LEU A 247 -37.54 -6.45 -0.72
N GLN A 248 -37.91 -5.63 0.26
CA GLN A 248 -37.95 -6.10 1.63
C GLN A 248 -38.93 -7.25 1.74
N ASN A 249 -40.05 -7.18 1.00
CA ASN A 249 -41.06 -8.24 1.08
C ASN A 249 -40.72 -9.53 0.28
N SER A 250 -40.13 -9.39 -0.91
CA SER A 250 -39.71 -10.58 -1.67
C SER A 250 -38.72 -11.45 -0.93
N PHE A 251 -37.73 -10.82 -0.31
CA PHE A 251 -36.59 -11.53 0.27
C PHE A 251 -36.46 -11.44 1.80
N GLY A 252 -37.40 -10.81 2.49
CA GLY A 252 -37.32 -10.73 3.95
C GLY A 252 -36.02 -10.17 4.49
N VAL A 253 -35.65 -8.98 3.99
CA VAL A 253 -34.48 -8.26 4.48
C VAL A 253 -34.92 -6.87 4.86
N THR A 254 -34.04 -6.10 5.49
CA THR A 254 -34.32 -4.75 5.95
C THR A 254 -33.26 -3.75 5.51
N LEU A 255 -33.68 -2.79 4.70
CA LEU A 255 -32.76 -1.84 4.11
C LEU A 255 -32.80 -0.51 4.85
N HIS A 256 -31.92 -0.34 5.83
CA HIS A 256 -31.81 0.96 6.46
C HIS A 256 -31.20 1.97 5.48
N GLU A 257 -31.19 3.23 5.89
CA GLU A 257 -30.82 4.33 5.01
C GLU A 257 -29.52 4.07 4.28
N THR A 258 -28.56 3.51 4.98
CA THR A 258 -27.23 3.47 4.42
C THR A 258 -27.09 2.37 3.33
N GLU A 259 -28.00 1.40 3.33
CA GLU A 259 -28.06 0.39 2.28
C GLU A 259 -28.75 0.95 1.06
N ILE A 260 -29.77 1.75 1.26
CA ILE A 260 -30.43 2.40 0.15
C ILE A 260 -29.43 3.26 -0.60
N SER A 261 -28.63 3.98 0.16
CA SER A 261 -27.64 4.89 -0.40
C SER A 261 -26.64 4.09 -1.24
N PHE A 262 -26.24 2.92 -0.73
CA PHE A 262 -25.27 2.05 -1.41
C PHE A 262 -25.84 1.54 -2.72
N LEU A 263 -27.02 0.94 -2.65
CA LEU A 263 -27.66 0.49 -3.88
C LEU A 263 -27.88 1.66 -4.83
N ALA A 264 -28.25 2.80 -4.30
CA ALA A 264 -28.42 4.01 -5.14
C ALA A 264 -27.14 4.38 -5.81
N LEU A 265 -26.03 4.28 -5.09
CA LEU A 265 -24.73 4.52 -5.72
C LEU A 265 -24.49 3.53 -6.84
N ALA A 266 -24.85 2.28 -6.62
CA ALA A 266 -24.70 1.25 -7.64
C ALA A 266 -25.53 1.60 -8.84
N LEU A 267 -26.79 1.91 -8.61
CA LEU A 267 -27.67 2.36 -9.70
C LEU A 267 -27.02 3.48 -10.51
N LEU A 268 -26.60 4.52 -9.83
CA LEU A 268 -26.04 5.68 -10.51
C LEU A 268 -24.85 5.28 -11.33
N LEU A 269 -23.90 4.57 -10.72
CA LEU A 269 -22.71 4.09 -11.45
C LEU A 269 -23.01 3.22 -12.69
N SER A 270 -24.01 2.36 -12.60
CA SER A 270 -24.38 1.50 -13.73
C SER A 270 -24.97 2.29 -14.86
N LEU A 271 -25.37 3.53 -14.61
CA LEU A 271 -25.82 4.42 -15.70
C LEU A 271 -24.69 5.26 -16.26
N GLY A 272 -23.46 5.10 -15.75
CA GLY A 272 -22.25 5.64 -16.38
C GLY A 272 -22.33 5.58 -17.90
N ASN A 273 -22.77 4.44 -18.45
CA ASN A 273 -23.27 4.40 -19.83
C ASN A 273 -24.66 3.74 -19.92
N SER A 274 -25.55 4.43 -20.65
CA SER A 274 -26.89 3.94 -21.01
C SER A 274 -27.23 4.27 -22.49
N ILE A 275 -27.96 3.37 -23.13
CA ILE A 275 -28.32 3.46 -24.57
C ILE A 275 -28.84 4.83 -25.04
N SER A 279 -29.55 12.22 -21.02
CA SER A 279 -28.27 11.86 -20.40
C SER A 279 -27.74 13.01 -19.51
N ASN A 280 -28.62 13.94 -19.12
CA ASN A 280 -28.23 15.22 -18.48
C ASN A 280 -28.24 15.18 -16.95
N LYS A 281 -29.39 14.82 -16.41
CA LYS A 281 -29.60 14.78 -14.97
C LYS A 281 -28.79 13.63 -14.33
N THR A 282 -28.49 12.62 -15.15
CA THR A 282 -27.56 11.55 -14.77
C THR A 282 -26.13 12.07 -14.53
N LEU A 283 -25.58 12.74 -15.55
CA LEU A 283 -24.24 13.34 -15.47
C LEU A 283 -24.10 14.29 -14.25
N THR A 284 -25.17 15.01 -13.93
CA THR A 284 -25.13 15.98 -12.88
C THR A 284 -25.10 15.31 -11.50
N SER A 285 -25.93 14.28 -11.29
CA SER A 285 -25.87 13.49 -10.04
C SER A 285 -24.53 12.76 -9.96
N TYR A 286 -24.05 12.34 -11.13
CA TYR A 286 -22.81 11.65 -11.19
C TYR A 286 -21.74 12.57 -10.63
N LYS A 287 -21.65 13.76 -11.18
CA LYS A 287 -20.62 14.73 -10.81
C LYS A 287 -20.70 15.17 -9.33
N LYS A 288 -21.90 15.46 -8.84
CA LYS A 288 -22.06 15.89 -7.45
C LYS A 288 -21.66 14.79 -6.45
N THR A 289 -21.89 13.54 -6.84
CA THR A 289 -21.59 12.40 -5.98
C THR A 289 -20.11 12.07 -5.94
N ILE A 290 -19.44 12.16 -7.09
CA ILE A 290 -18.04 11.76 -7.19
C ILE A 290 -17.11 12.94 -6.89
N PRO A 292 -16.52 15.06 -4.51
CA PRO A 292 -15.66 15.07 -3.30
C PRO A 292 -14.47 14.08 -3.34
N LEU A 293 -14.59 12.98 -4.08
CA LEU A 293 -13.51 12.00 -4.20
C LEU A 293 -12.44 12.58 -5.09
N ALA A 294 -12.88 13.16 -6.20
CA ALA A 294 -11.99 13.87 -7.11
C ALA A 294 -11.20 14.91 -6.36
N LYS A 295 -11.86 15.62 -5.45
CA LYS A 295 -11.19 16.60 -4.60
C LYS A 295 -10.19 15.97 -3.66
N GLU A 296 -10.57 14.89 -2.96
CA GLU A 296 -9.58 14.24 -2.07
C GLU A 296 -8.37 13.63 -2.83
N ILE A 297 -8.60 13.02 -3.99
CA ILE A 297 -7.54 12.50 -4.80
C ILE A 297 -6.56 13.58 -5.20
N THR A 298 -7.10 14.70 -5.68
CA THR A 298 -6.30 15.83 -6.17
C THR A 298 -5.45 16.42 -5.06
N LYS A 299 -6.08 16.62 -3.91
CA LYS A 299 -5.38 17.08 -2.73
C LYS A 299 -4.27 16.10 -2.33
N GLY A 300 -4.59 14.79 -2.30
CA GLY A 300 -3.62 13.74 -2.01
C GLY A 300 -2.41 13.83 -2.93
N ILE A 301 -2.66 13.84 -4.21
CA ILE A 301 -1.56 13.84 -5.15
C ILE A 301 -0.75 15.16 -5.08
N GLU A 302 -1.45 16.29 -4.91
CA GLU A 302 -0.80 17.60 -4.88
C GLU A 302 0.17 17.69 -3.74
N HIS A 303 -0.25 17.17 -2.61
CA HIS A 303 0.59 17.12 -1.42
C HIS A 303 1.95 16.44 -1.66
N LYS A 304 1.97 15.45 -2.54
CA LYS A 304 3.21 14.78 -2.86
C LYS A 304 3.91 15.43 -4.04
N LEU A 305 3.16 15.92 -5.02
CA LEU A 305 3.81 16.49 -6.23
C LEU A 305 4.26 17.95 -6.07
N GLN A 306 3.64 18.68 -5.14
CA GLN A 306 3.98 20.09 -4.88
C GLN A 306 4.12 20.88 -6.20
N LEU A 307 3.07 20.87 -6.99
CA LEU A 307 3.05 21.66 -8.21
C LEU A 307 2.75 23.14 -7.97
N GLY A 308 2.18 23.47 -6.83
CA GLY A 308 1.81 24.84 -6.52
C GLY A 308 0.62 25.39 -7.28
N ILE A 309 -0.07 24.55 -8.03
CA ILE A 309 -1.20 25.01 -8.81
C ILE A 309 -2.45 25.03 -7.95
N ASN A 310 -3.40 25.89 -8.31
CA ASN A 310 -4.80 25.71 -7.92
C ASN A 310 -5.53 24.97 -9.02
N TYR A 311 -6.18 23.88 -8.65
CA TYR A 311 -6.80 23.04 -9.64
C TYR A 311 -8.19 23.52 -9.82
N ASP A 312 -8.52 23.96 -11.03
CA ASP A 312 -9.83 24.52 -11.28
C ASP A 312 -10.85 23.42 -11.44
N GLU A 313 -12.08 23.79 -11.77
CA GLU A 313 -13.21 22.86 -11.72
C GLU A 313 -13.20 21.89 -12.90
N SER A 314 -12.49 22.26 -13.93
CA SER A 314 -12.54 21.49 -15.14
C SER A 314 -11.36 20.48 -15.11
N PHE A 315 -10.29 20.80 -14.40
CA PHE A 315 -9.32 19.84 -14.02
C PHE A 315 -9.96 18.77 -13.13
N LEU A 316 -10.76 19.17 -12.15
CA LEU A 316 -11.43 18.20 -11.29
C LEU A 316 -12.49 17.42 -12.04
N THR A 317 -13.01 17.97 -13.11
CA THR A 317 -14.04 17.27 -13.86
C THR A 317 -13.40 16.13 -14.65
N TYR A 318 -12.22 16.37 -15.21
CA TYR A 318 -11.45 15.30 -15.80
C TYR A 318 -11.12 14.20 -14.77
N VAL A 319 -10.89 14.58 -13.52
CA VAL A 319 -10.58 13.59 -12.50
C VAL A 319 -11.82 12.74 -12.21
N VAL A 320 -12.99 13.33 -12.31
CA VAL A 320 -14.24 12.59 -12.21
C VAL A 320 -14.38 11.64 -13.40
N LEU A 321 -14.09 12.15 -14.59
CA LEU A 321 -14.05 11.31 -15.78
C LEU A 321 -13.20 10.02 -15.57
N ILE A 322 -11.98 10.18 -15.05
CA ILE A 322 -11.09 9.08 -14.86
C ILE A 322 -11.64 8.13 -13.80
N ILE A 323 -12.18 8.69 -12.73
CA ILE A 323 -12.82 7.86 -11.73
C ILE A 323 -13.95 7.09 -12.36
N LYS A 324 -14.62 7.68 -13.33
CA LYS A 324 -15.79 7.06 -13.96
C LYS A 324 -15.37 5.89 -14.83
N LYS A 325 -14.31 6.09 -15.60
CA LYS A 325 -13.66 4.99 -16.32
C LYS A 325 -13.27 3.83 -15.40
N ALA A 326 -12.80 4.14 -14.20
CA ALA A 326 -12.46 3.13 -13.24
C ALA A 326 -13.68 2.30 -12.80
N LEU A 327 -14.75 2.97 -12.41
CA LEU A 327 -15.91 2.28 -11.86
C LEU A 327 -16.75 1.57 -12.92
N ASP A 328 -16.66 2.02 -14.16
CA ASP A 328 -17.42 1.45 -15.27
C ASP A 328 -16.97 0.03 -15.60
N LYS A 329 -15.74 -0.32 -15.24
CA LYS A 329 -15.23 -1.68 -15.42
C LYS A 329 -16.12 -2.80 -14.88
N ASN A 330 -16.92 -2.48 -13.87
CA ASN A 330 -17.90 -3.42 -13.38
C ASN A 330 -19.09 -3.60 -14.31
N PHE A 331 -19.31 -2.67 -15.23
CA PHE A 331 -20.52 -2.68 -16.07
C PHE A 331 -20.26 -2.83 -17.55
N ILE A 332 -19.02 -3.24 -17.87
CA ILE A 332 -18.55 -3.59 -19.20
C ILE A 332 -17.81 -4.95 -19.02
N GLN A 333 -18.06 -5.93 -19.90
CA GLN A 333 -17.56 -7.26 -19.60
C GLN A 333 -16.03 -7.32 -19.73
N TYR A 334 -15.55 -6.99 -20.93
CA TYR A 334 -14.16 -7.24 -21.27
C TYR A 334 -13.33 -5.97 -21.17
N TYR A 335 -12.14 -6.12 -20.60
CA TYR A 335 -11.19 -5.02 -20.41
C TYR A 335 -10.26 -4.82 -21.63
N ASN A 336 -10.24 -3.61 -22.17
CA ASN A 336 -9.27 -3.27 -23.23
C ASN A 336 -7.86 -3.03 -22.66
N TYR A 337 -6.81 -3.37 -23.40
CA TYR A 337 -5.49 -3.52 -22.77
C TYR A 337 -4.58 -2.30 -22.71
N ASN A 338 -4.22 -1.74 -23.86
CA ASN A 338 -3.34 -0.54 -23.93
C ASN A 338 -1.87 -0.68 -23.51
N ILE A 339 -1.41 -1.89 -23.21
CA ILE A 339 -0.13 -2.12 -22.48
C ILE A 339 1.04 -1.26 -23.00
N LYS A 340 1.15 -1.09 -24.31
CA LYS A 340 2.21 -0.24 -24.84
C LYS A 340 2.03 1.22 -24.46
N PHE A 341 0.86 1.77 -24.73
CA PHE A 341 0.47 3.10 -24.25
C PHE A 341 0.86 3.30 -22.80
N ILE A 342 0.42 2.40 -21.94
CA ILE A 342 0.74 2.53 -20.51
C ILE A 342 2.22 2.63 -20.18
N ARG A 343 3.03 1.82 -20.82
CA ARG A 343 4.43 1.76 -20.48
C ARG A 343 5.12 3.02 -20.92
N HIS A 344 4.76 3.52 -22.10
CA HIS A 344 5.28 4.82 -22.58
C HIS A 344 5.07 5.92 -21.52
N ILE A 345 3.90 5.93 -20.91
CA ILE A 345 3.60 6.94 -19.92
C ILE A 345 4.46 6.70 -18.70
N LYS A 346 4.57 5.44 -18.29
CA LYS A 346 5.36 5.06 -17.15
C LYS A 346 6.87 5.39 -17.29
N GLN A 347 7.43 5.21 -18.48
CA GLN A 347 8.83 5.53 -18.73
C GLN A 347 9.07 7.02 -18.77
N ARG A 348 8.11 7.76 -19.32
CA ARG A 348 8.19 9.23 -19.36
C ARG A 348 8.11 9.92 -18.01
N HIS A 349 7.27 9.41 -17.11
CA HIS A 349 7.02 10.04 -15.83
C HIS A 349 6.95 9.02 -14.69
N PRO A 350 8.04 8.30 -14.46
CA PRO A 350 8.09 7.19 -13.49
C PRO A 350 7.88 7.61 -12.04
N ASN A 351 8.47 8.73 -11.64
CA ASN A 351 8.28 9.21 -10.26
C ASN A 351 6.87 9.63 -10.05
N THR A 352 6.28 10.28 -11.04
CA THR A 352 4.91 10.76 -10.89
C THR A 352 3.96 9.56 -10.88
N PHE A 353 4.23 8.61 -11.78
CA PHE A 353 3.43 7.36 -11.80
C PHE A 353 3.40 6.69 -10.43
N ASN A 354 4.58 6.44 -9.82
CA ASN A 354 4.61 5.77 -8.51
C ASN A 354 3.90 6.58 -7.44
N THR A 355 4.13 7.89 -7.42
CA THR A 355 3.51 8.75 -6.43
C THR A 355 2.00 8.66 -6.49
N ILE A 356 1.45 8.61 -7.70
CA ILE A 356 0.00 8.60 -7.82
C ILE A 356 -0.53 7.22 -7.41
N GLN A 357 0.24 6.18 -7.72
CA GLN A 357 -0.08 4.80 -7.30
C GLN A 357 -0.21 4.74 -5.78
N GLU A 358 0.82 5.20 -5.09
CA GLU A 358 0.80 5.38 -3.62
C GLU A 358 -0.43 6.15 -3.14
N CYS A 359 -0.74 7.33 -3.70
CA CYS A 359 -1.87 8.12 -3.17
C CYS A 359 -3.21 7.45 -3.40
N ILE A 360 -3.37 6.82 -4.56
CA ILE A 360 -4.62 6.10 -4.83
C ILE A 360 -4.74 4.92 -3.86
N SER A 361 -3.62 4.26 -3.58
CA SER A 361 -3.68 3.10 -2.69
C SER A 361 -3.95 3.46 -1.23
N ASN A 362 -3.86 4.76 -0.88
CA ASN A 362 -4.24 5.22 0.46
C ASN A 362 -5.70 5.61 0.60
N LEU A 363 -6.50 5.40 -0.46
CA LEU A 363 -7.96 5.56 -0.34
C LEU A 363 -8.54 4.30 0.28
N ASN A 364 -9.85 4.16 0.22
CA ASN A 364 -10.54 2.92 0.58
C ASN A 364 -10.47 1.87 -0.53
N TYR A 365 -10.49 0.59 -0.16
CA TYR A 365 -10.45 -0.52 -1.13
C TYR A 365 -11.57 -0.35 -2.20
N THR A 366 -12.78 0.04 -1.76
CA THR A 366 -13.89 0.35 -2.69
C THR A 366 -13.44 1.16 -3.91
N VAL A 367 -12.60 2.16 -3.65
CA VAL A 367 -12.07 2.98 -4.75
C VAL A 367 -10.87 2.33 -5.42
N TYR A 368 -9.78 2.10 -4.70
CA TYR A 368 -8.55 1.58 -5.40
C TYR A 368 -8.60 0.19 -6.03
N SER A 369 -9.56 -0.65 -5.62
CA SER A 369 -9.84 -1.89 -6.35
C SER A 369 -10.00 -1.62 -7.84
N HIS A 370 -10.64 -0.50 -8.20
CA HIS A 370 -10.87 -0.20 -9.61
C HIS A 370 -9.74 0.54 -10.34
N PHE A 371 -8.65 0.89 -9.68
CA PHE A 371 -7.62 1.64 -10.37
C PHE A 371 -6.46 0.72 -10.75
N ASP A 372 -6.26 0.47 -12.03
CA ASP A 372 -5.06 -0.23 -12.49
C ASP A 372 -4.09 0.72 -13.16
N CYS A 373 -3.04 0.14 -13.70
CA CYS A 373 -2.03 0.87 -14.38
C CYS A 373 -2.59 1.87 -15.36
N TYR A 374 -3.70 1.56 -16.00
CA TYR A 374 -4.22 2.43 -17.05
C TYR A 374 -4.77 3.74 -16.47
N GLU A 375 -5.66 3.62 -15.48
CA GLU A 375 -6.21 4.78 -14.80
C GLU A 375 -5.06 5.59 -14.18
N ILE A 376 -4.04 4.92 -13.65
CA ILE A 376 -2.94 5.65 -13.03
C ILE A 376 -2.19 6.39 -14.13
N SER A 377 -2.15 5.81 -15.33
CA SER A 377 -1.43 6.44 -16.41
C SER A 377 -2.23 7.66 -16.89
N LEU A 378 -3.55 7.55 -16.81
CA LEU A 378 -4.49 8.63 -17.08
C LEU A 378 -4.20 9.83 -16.14
N LEU A 379 -4.19 9.59 -14.84
CA LEU A 379 -3.89 10.65 -13.87
C LEU A 379 -2.50 11.20 -14.12
N THR A 380 -1.56 10.34 -14.42
CA THR A 380 -0.19 10.79 -14.61
C THR A 380 -0.09 11.85 -15.71
N HIS A 382 -2.74 13.59 -16.86
CA HIS A 382 -3.50 14.74 -16.39
C HIS A 382 -2.66 15.77 -15.59
N PHE A 383 -1.86 15.31 -14.63
CA PHE A 383 -1.13 16.19 -13.76
C PHE A 383 0.10 16.75 -14.44
N GLU A 384 0.70 15.96 -15.33
CA GLU A 384 1.93 16.40 -15.97
C GLU A 384 1.65 17.45 -17.04
N THR A 385 0.44 17.40 -17.56
CA THR A 385 -0.08 18.38 -18.45
C THR A 385 -0.14 19.71 -17.70
N GLN A 386 -0.66 19.74 -16.47
CA GLN A 386 -0.72 20.99 -15.74
C GLN A 386 0.68 21.55 -15.53
N ARG A 387 1.60 20.70 -15.12
CA ARG A 387 2.95 21.15 -14.87
C ARG A 387 3.53 21.84 -16.11
N LEU A 389 1.67 23.32 -18.62
CA LEU A 389 0.86 24.47 -18.90
C LEU A 389 1.27 25.65 -17.93
N PHE A 390 1.44 25.33 -16.67
CA PHE A 390 1.83 26.30 -15.68
C PHE A 390 3.22 26.80 -15.96
N LYS A 391 4.12 25.96 -16.39
CA LYS A 391 5.46 26.40 -16.66
C LYS A 391 5.56 27.10 -18.02
N ASN A 392 4.75 26.72 -19.02
CA ASN A 392 4.97 27.23 -20.37
C ASN A 392 3.94 28.23 -20.84
N ASN A 393 2.78 28.29 -20.19
CA ASN A 393 1.76 29.21 -20.64
C ASN A 393 2.30 30.64 -20.63
N PRO A 394 1.95 31.42 -21.65
CA PRO A 394 2.38 32.81 -21.67
C PRO A 394 1.59 33.69 -20.70
N LYS A 395 2.19 34.81 -20.32
CA LYS A 395 1.55 35.80 -19.47
C LYS A 395 0.37 36.42 -20.16
N LYS A 396 -0.76 36.46 -19.46
CA LYS A 396 -1.98 37.00 -20.02
C LYS A 396 -2.08 38.48 -19.77
N ILE A 397 -2.51 39.19 -20.80
CA ILE A 397 -2.45 40.61 -20.83
C ILE A 397 -3.81 41.15 -21.15
N TYR A 398 -4.25 42.10 -20.33
CA TYR A 398 -5.45 42.85 -20.59
C TYR A 398 -5.06 44.26 -21.07
N VAL A 399 -5.68 44.65 -22.18
CA VAL A 399 -5.44 45.96 -22.82
C VAL A 399 -6.58 46.90 -22.53
N TYR A 400 -6.26 47.96 -21.78
CA TYR A 400 -7.25 48.96 -21.34
C TYR A 400 -7.03 50.31 -22.06
N THR A 401 -8.07 50.83 -22.70
CA THR A 401 -7.93 52.07 -23.41
C THR A 401 -9.15 52.98 -23.27
N SER A 402 -8.92 54.29 -23.15
CA SER A 402 -10.02 55.26 -23.09
C SER A 402 -10.60 55.53 -24.46
N GLN A 403 -9.92 55.07 -25.51
CA GLN A 403 -10.26 55.42 -26.87
C GLN A 403 -11.17 54.42 -27.61
N GLY A 404 -11.73 53.42 -26.94
CA GLY A 404 -12.72 52.58 -27.61
C GLY A 404 -12.13 51.34 -28.24
N CYS A 405 -13.02 50.51 -28.75
CA CYS A 405 -12.66 49.14 -29.06
C CYS A 405 -11.79 48.96 -30.32
N ILE A 406 -11.91 49.85 -31.29
CA ILE A 406 -11.04 49.78 -32.47
C ILE A 406 -9.60 50.02 -32.06
N HIS A 407 -9.42 51.05 -31.23
CA HIS A 407 -8.08 51.34 -30.70
C HIS A 407 -7.55 50.19 -29.85
N ARG A 408 -8.42 49.58 -29.06
CA ARG A 408 -8.03 48.42 -28.24
C ARG A 408 -7.46 47.30 -29.09
N GLU A 409 -8.17 46.95 -30.14
CA GLU A 409 -7.71 45.94 -31.07
C GLU A 409 -6.39 46.33 -31.70
N TYR A 410 -6.27 47.58 -32.11
CA TYR A 410 -5.04 48.02 -32.76
C TYR A 410 -3.86 47.85 -31.84
N ILE A 411 -4.01 48.27 -30.59
CA ILE A 411 -2.94 48.01 -29.59
C ILE A 411 -2.67 46.51 -29.42
N SER A 412 -3.74 45.73 -29.35
CA SER A 412 -3.64 44.31 -29.18
C SER A 412 -2.80 43.68 -30.30
N ALA A 413 -3.04 44.06 -31.54
CA ALA A 413 -2.24 43.48 -32.61
C ALA A 413 -0.77 43.90 -32.53
N LEU A 414 -0.51 45.15 -32.12
CA LEU A 414 0.86 45.63 -31.98
C LEU A 414 1.57 44.83 -30.94
N LEU A 415 0.94 44.59 -29.82
CA LEU A 415 1.60 43.76 -28.78
C LEU A 415 1.93 42.38 -29.31
N GLU A 416 1.00 41.76 -30.03
CA GLU A 416 1.25 40.44 -30.63
C GLU A 416 2.37 40.45 -31.67
N LYS A 417 2.40 41.44 -32.57
CA LYS A 417 3.47 41.60 -33.60
C LYS A 417 4.81 41.53 -32.92
N ARG A 418 4.91 42.16 -31.77
CA ARG A 418 6.17 42.35 -31.08
C ARG A 418 6.57 41.14 -30.24
N TYR A 419 5.63 40.62 -29.46
CA TYR A 419 5.96 39.63 -28.45
C TYR A 419 5.50 38.19 -28.80
N ASN A 420 4.65 38.02 -29.81
CA ASN A 420 4.20 36.70 -30.24
C ASN A 420 3.78 35.88 -29.04
N GLY A 421 4.42 34.72 -28.86
CA GLY A 421 3.97 33.77 -27.87
C GLY A 421 4.44 33.96 -26.45
N LEU A 422 5.20 35.01 -26.17
CA LEU A 422 5.47 35.40 -24.79
C LEU A 422 4.22 35.97 -24.08
N ILE A 423 3.19 36.34 -24.83
CA ILE A 423 1.98 36.88 -24.25
C ILE A 423 0.72 36.31 -24.87
N LYS A 424 -0.37 36.45 -24.15
CA LYS A 424 -1.66 36.05 -24.62
C LYS A 424 -2.59 37.22 -24.27
N ILE A 425 -3.15 37.85 -25.29
CA ILE A 425 -4.08 38.94 -25.13
C ILE A 425 -5.44 38.36 -24.80
N VAL A 426 -6.08 38.95 -23.78
CA VAL A 426 -7.39 38.55 -23.35
C VAL A 426 -8.42 39.51 -23.89
N ARG A 427 -8.97 39.14 -25.03
CA ARG A 427 -9.88 39.99 -25.77
C ARG A 427 -11.28 40.19 -25.16
N ASN A 428 -11.68 39.44 -24.14
CA ASN A 428 -12.99 39.74 -23.53
C ASN A 428 -12.99 41.05 -22.75
N THR A 429 -14.14 41.72 -22.73
CA THR A 429 -14.31 42.94 -21.99
C THR A 429 -14.61 42.59 -20.55
N ILE A 430 -13.86 43.19 -19.66
CA ILE A 430 -13.97 42.91 -18.25
C ILE A 430 -15.12 43.77 -17.78
N ILE A 431 -15.94 43.24 -16.88
CA ILE A 431 -17.16 43.94 -16.46
C ILE A 431 -16.84 45.06 -15.46
N ASN A 432 -15.90 44.80 -14.57
CA ASN A 432 -15.43 45.78 -13.63
C ASN A 432 -13.96 45.49 -13.23
N LEU A 433 -13.39 46.29 -12.34
CA LEU A 433 -11.96 46.26 -12.01
C LEU A 433 -11.63 45.73 -10.62
N THR A 434 -12.53 44.96 -10.05
CA THR A 434 -12.24 44.37 -8.73
C THR A 434 -11.25 43.24 -8.91
N ASN A 435 -10.54 42.92 -7.85
CA ASN A 435 -9.56 41.86 -7.91
C ASN A 435 -10.16 40.54 -8.34
N GLU A 436 -11.40 40.29 -7.98
CA GLU A 436 -12.10 39.07 -8.41
C GLU A 436 -12.37 39.02 -9.92
N SER A 437 -12.75 40.13 -10.54
CA SER A 437 -13.06 40.08 -11.99
C SER A 437 -11.79 39.90 -12.80
N LEU A 438 -10.68 40.39 -12.27
CA LEU A 438 -9.40 40.27 -12.93
C LEU A 438 -8.87 38.87 -12.81
N GLN A 439 -8.96 38.30 -11.61
CA GLN A 439 -8.54 36.93 -11.33
C GLN A 439 -9.35 35.89 -12.04
N ASP A 440 -10.64 36.14 -12.24
CA ASP A 440 -11.47 35.21 -13.03
C ASP A 440 -11.22 35.30 -14.52
N GLU A 442 -7.92 35.56 -15.10
CA GLU A 442 -6.55 35.07 -14.95
C GLU A 442 -5.54 36.06 -15.55
N ILE A 443 -5.83 37.33 -15.46
CA ILE A 443 -4.96 38.36 -16.02
C ILE A 443 -3.71 38.49 -15.19
N ASP A 444 -2.56 38.58 -15.86
CA ASP A 444 -1.30 38.83 -15.18
C ASP A 444 -0.84 40.28 -15.26
N ILE A 445 -1.16 40.98 -16.35
CA ILE A 445 -0.60 42.28 -16.64
C ILE A 445 -1.61 43.11 -17.39
N ILE A 446 -1.76 44.37 -16.94
CA ILE A 446 -2.65 45.32 -17.58
C ILE A 446 -1.77 46.34 -18.25
N ILE A 447 -2.04 46.57 -19.53
CA ILE A 447 -1.37 47.59 -20.29
C ILE A 447 -2.40 48.65 -20.59
N SER A 448 -2.21 49.82 -19.96
CA SER A 448 -3.23 50.86 -19.95
C SER A 448 -2.69 52.15 -20.42
N ASN A 449 -3.57 52.94 -21.02
CA ASN A 449 -3.30 54.29 -21.46
C ASN A 449 -3.96 55.29 -20.45
N VAL A 450 -4.33 54.76 -19.29
CA VAL A 450 -5.14 55.48 -18.30
C VAL A 450 -4.74 54.96 -16.94
N ASN A 451 -4.72 55.86 -15.96
CA ASN A 451 -4.52 55.48 -14.55
C ASN A 451 -5.72 54.67 -14.11
N LEU A 452 -5.48 53.65 -13.32
CA LEU A 452 -6.54 52.77 -12.82
C LEU A 452 -6.42 52.57 -11.32
N PRO A 453 -7.56 52.49 -10.61
CA PRO A 453 -7.59 52.20 -9.19
C PRO A 453 -7.46 50.70 -8.95
N ILE A 454 -6.27 50.18 -9.15
CA ILE A 454 -6.07 48.74 -9.08
C ILE A 454 -4.76 48.49 -8.39
N LYS A 455 -4.76 47.45 -7.55
CA LYS A 455 -3.69 47.28 -6.60
C LYS A 455 -2.72 46.19 -7.00
N ASN A 456 -3.11 44.94 -6.81
CA ASN A 456 -2.12 43.89 -6.63
C ASN A 456 -1.75 43.18 -7.90
N ILE A 457 -1.39 43.94 -8.92
CA ILE A 457 -1.29 43.39 -10.27
C ILE A 457 -0.59 44.39 -11.20
N PRO A 458 0.54 43.98 -11.79
CA PRO A 458 1.35 44.93 -12.57
C PRO A 458 0.57 45.63 -13.67
N ILE A 459 0.72 46.95 -13.73
CA ILE A 459 0.13 47.77 -14.76
C ILE A 459 1.25 48.53 -15.43
N VAL A 460 1.25 48.59 -16.75
CA VAL A 460 2.24 49.36 -17.45
C VAL A 460 1.46 50.45 -18.13
N GLN A 461 1.65 51.67 -17.67
CA GLN A 461 1.00 52.79 -18.32
C GLN A 461 1.82 53.13 -19.56
N ILE A 462 1.13 53.17 -20.68
CA ILE A 462 1.76 53.43 -21.96
C ILE A 462 1.02 54.57 -22.67
N SER A 463 1.66 55.07 -23.70
CA SER A 463 1.14 56.17 -24.48
C SER A 463 0.10 55.53 -25.39
N GLU A 464 -0.70 56.35 -26.06
CA GLU A 464 -1.80 55.83 -26.86
C GLU A 464 -1.32 55.04 -28.05
N PHE A 465 -0.06 55.28 -28.43
CA PHE A 465 0.67 54.40 -29.32
C PHE A 465 1.99 54.12 -28.62
N PRO A 466 2.27 52.83 -28.35
CA PRO A 466 3.49 52.49 -27.63
C PRO A 466 4.76 53.09 -28.23
N THR A 467 5.59 53.66 -27.36
CA THR A 467 6.92 54.21 -27.68
C THR A 467 7.91 53.09 -27.41
N GLU A 468 9.17 53.24 -27.82
CA GLU A 468 10.15 52.17 -27.53
C GLU A 468 10.39 52.00 -26.02
N ARG A 469 10.25 53.09 -25.28
CA ARG A 469 10.32 53.02 -23.82
C ARG A 469 9.19 52.11 -23.29
N ASP A 470 8.00 52.23 -23.86
CA ASP A 470 6.87 51.42 -23.42
C ASP A 470 7.13 49.96 -23.63
N PHE A 471 7.67 49.62 -24.80
CA PHE A 471 7.97 48.23 -25.14
C PHE A 471 9.05 47.68 -24.24
N HIS A 472 9.96 48.57 -23.82
CA HIS A 472 11.03 48.20 -22.91
C HIS A 472 10.51 47.89 -21.49
N GLU A 473 9.59 48.70 -20.97
CA GLU A 473 8.97 48.42 -19.66
C GLU A 473 8.20 47.12 -19.67
N ILE A 474 7.44 46.90 -20.75
CA ILE A 474 6.65 45.69 -20.92
C ILE A 474 7.54 44.48 -21.00
N LYS A 475 8.61 44.57 -21.78
CA LYS A 475 9.57 43.45 -21.85
C LYS A 475 10.08 42.96 -20.49
N LYS A 476 10.47 43.86 -19.59
CA LYS A 476 10.98 43.50 -18.26
C LYS A 476 10.09 42.55 -17.48
N ILE A 477 8.78 42.83 -17.43
CA ILE A 477 7.85 42.07 -16.59
C ILE A 477 7.16 40.90 -17.30
N ILE A 478 7.48 40.71 -18.58
CA ILE A 478 7.01 39.54 -19.36
C ILE A 478 7.85 38.29 -19.02
N ALA B 3 -10.95 -13.27 16.57
CA ALA B 3 -9.66 -14.01 16.36
C ALA B 3 -9.41 -14.21 14.85
N LEU B 5 -7.20 -14.95 11.58
CA LEU B 5 -6.01 -15.62 11.02
C LEU B 5 -4.90 -14.61 10.72
N THR B 6 -3.69 -14.97 11.07
CA THR B 6 -2.53 -14.16 10.80
C THR B 6 -2.14 -14.28 9.34
N PRO B 7 -1.76 -13.15 8.74
CA PRO B 7 -1.35 -13.26 7.35
C PRO B 7 0.01 -13.89 7.29
N ILE B 8 0.11 -15.05 6.67
CA ILE B 8 1.39 -15.70 6.52
C ILE B 8 1.70 -16.07 5.09
N SER B 9 3.01 -16.03 4.82
CA SER B 9 3.52 -16.11 3.48
C SER B 9 4.35 -17.34 3.37
N ILE B 10 4.32 -17.95 2.20
CA ILE B 10 5.15 -19.08 1.94
C ILE B 10 6.65 -18.78 2.09
N GLU B 11 7.07 -17.54 1.90
CA GLU B 11 8.52 -17.21 1.96
C GLU B 11 9.10 -17.24 3.38
N LYS B 12 8.25 -17.34 4.40
CA LYS B 12 8.73 -17.26 5.78
C LYS B 12 8.37 -18.48 6.64
N GLU B 13 8.00 -19.59 6.00
CA GLU B 13 7.66 -20.79 6.75
C GLU B 13 8.84 -21.09 7.67
N HIS B 14 10.05 -21.12 7.12
CA HIS B 14 11.21 -21.51 7.91
C HIS B 14 11.41 -20.62 9.12
N ILE B 15 11.09 -19.34 8.97
CA ILE B 15 11.16 -18.43 10.12
C ILE B 15 10.14 -18.84 11.18
N ARG B 16 8.95 -19.18 10.72
CA ARG B 16 7.89 -19.53 11.64
C ARG B 16 8.27 -20.78 12.42
N LEU B 17 8.68 -21.83 11.73
CA LEU B 17 9.04 -23.09 12.39
C LEU B 17 10.19 -22.94 13.34
N ILE B 18 11.21 -22.19 12.96
CA ILE B 18 12.31 -21.93 13.90
C ILE B 18 11.82 -21.19 15.13
N ASN B 19 11.03 -20.12 14.97
CA ASN B 19 10.55 -19.39 16.16
C ASN B 19 9.72 -20.30 17.06
N LEU B 20 8.90 -21.19 16.47
CA LEU B 20 8.06 -22.08 17.24
C LEU B 20 8.86 -23.14 18.01
N LEU B 21 9.78 -23.82 17.33
CA LEU B 21 10.68 -24.75 17.94
C LEU B 21 11.38 -24.13 19.16
N HIS B 22 11.80 -22.89 19.03
CA HIS B 22 12.47 -22.22 20.15
C HIS B 22 11.50 -21.97 21.32
N PHE B 23 10.22 -21.81 21.01
CA PHE B 23 9.22 -21.45 22.00
C PHE B 23 8.81 -22.67 22.77
N ILE B 24 8.66 -23.78 22.05
CA ILE B 24 8.33 -25.06 22.64
C ILE B 24 9.43 -25.55 23.59
N ASN B 25 10.66 -25.17 23.30
CA ASN B 25 11.78 -25.51 24.16
C ASN B 25 11.85 -24.66 25.43
N GLU B 26 11.81 -23.35 25.27
CA GLU B 26 12.01 -22.41 26.36
C GLU B 26 10.89 -22.52 27.42
N GLN B 27 9.73 -23.01 27.04
CA GLN B 27 8.64 -23.22 27.98
C GLN B 27 8.74 -24.60 28.57
N ASN B 28 8.64 -24.68 29.90
CA ASN B 28 8.66 -25.96 30.58
C ASN B 28 7.23 -26.37 30.81
N ARG B 29 6.53 -26.63 29.71
CA ARG B 29 5.15 -27.08 29.79
C ARG B 29 4.76 -27.75 28.49
N TRP B 30 3.65 -28.47 28.52
CA TRP B 30 3.21 -29.24 27.37
C TRP B 30 2.64 -28.31 26.34
N PHE B 31 2.58 -28.80 25.10
CA PHE B 31 1.93 -28.07 24.01
C PHE B 31 0.99 -29.02 23.33
N THR B 32 -0.28 -28.68 23.33
CA THR B 32 -1.24 -29.59 22.74
C THR B 32 -1.19 -29.48 21.24
N ILE B 33 -1.55 -30.57 20.56
CA ILE B 33 -1.59 -30.56 19.11
C ILE B 33 -2.48 -29.46 18.50
N LYS B 34 -3.69 -29.29 19.01
CA LYS B 34 -4.54 -28.21 18.55
C LYS B 34 -3.84 -26.85 18.63
N GLU B 35 -3.12 -26.64 19.72
CA GLU B 35 -2.50 -25.34 20.02
C GLU B 35 -1.32 -25.02 19.08
N LEU B 36 -0.61 -26.07 18.67
CA LEU B 36 0.44 -25.98 17.66
C LEU B 36 -0.10 -25.70 16.25
N SER B 37 -1.16 -26.42 15.87
CA SER B 37 -1.93 -26.14 14.67
C SER B 37 -2.35 -24.67 14.54
N ASP B 38 -2.68 -24.01 15.65
CA ASP B 38 -3.08 -22.60 15.62
C ASP B 38 -1.92 -21.64 15.55
N TYR B 39 -0.84 -21.95 16.26
CA TYR B 39 0.40 -21.17 16.14
C TYR B 39 0.88 -21.18 14.67
N LEU B 40 0.80 -22.32 13.98
CA LEU B 40 1.32 -22.42 12.61
C LEU B 40 0.26 -22.27 11.53
N GLN B 41 -1.01 -22.30 11.94
CA GLN B 41 -2.15 -22.18 11.03
C GLN B 41 -2.05 -23.31 10.00
N VAL B 42 -1.91 -24.53 10.53
CA VAL B 42 -1.90 -25.73 9.70
C VAL B 42 -2.88 -26.76 10.21
N ALA B 43 -3.09 -27.78 9.38
CA ALA B 43 -3.95 -28.89 9.73
C ALA B 43 -3.23 -29.81 10.73
N ASP B 44 -4.01 -30.54 11.52
CA ASP B 44 -3.47 -31.55 12.46
C ASP B 44 -2.60 -32.62 11.78
N LYS B 45 -3.09 -33.25 10.70
CA LYS B 45 -2.21 -34.15 9.91
C LYS B 45 -0.81 -33.52 9.75
N THR B 46 -0.79 -32.23 9.37
CA THR B 46 0.44 -31.49 9.11
C THR B 46 1.27 -31.21 10.39
N VAL B 47 0.60 -30.87 11.50
CA VAL B 47 1.30 -30.77 12.76
C VAL B 47 1.95 -32.11 13.11
N ARG B 48 1.17 -33.19 13.06
CA ARG B 48 1.65 -34.54 13.35
C ARG B 48 2.83 -34.87 12.45
N LYS B 49 2.74 -34.54 11.18
CA LYS B 49 3.83 -34.85 10.27
C LYS B 49 5.14 -34.13 10.69
N TYR B 50 5.01 -32.90 11.18
CA TYR B 50 6.18 -32.10 11.61
C TYR B 50 6.83 -32.68 12.86
N LEU B 51 6.00 -33.14 13.78
CA LEU B 51 6.46 -33.81 15.00
C LEU B 51 7.17 -35.13 14.74
N LYS B 52 6.72 -35.86 13.72
CA LYS B 52 7.41 -37.05 13.21
C LYS B 52 8.80 -36.66 12.69
N LEU B 53 8.88 -35.60 11.89
CA LEU B 53 10.17 -35.17 11.37
C LEU B 53 11.06 -34.74 12.52
N LEU B 54 10.44 -34.11 13.53
CA LEU B 54 11.12 -33.68 14.73
C LEU B 54 11.70 -34.86 15.56
N GLU B 55 10.89 -35.90 15.82
CA GLU B 55 11.38 -37.16 16.44
C GLU B 55 12.65 -37.69 15.75
N ASP B 56 12.57 -37.86 14.43
CA ASP B 56 13.63 -38.49 13.64
C ASP B 56 14.93 -37.71 13.54
N GLU B 57 14.91 -36.41 13.81
CA GLU B 57 16.10 -35.59 13.61
C GLU B 57 16.66 -35.06 14.92
N ILE B 58 15.87 -35.21 15.98
CA ILE B 58 16.33 -34.98 17.34
C ILE B 58 17.16 -36.18 17.82
N PRO B 59 18.36 -35.94 18.40
CA PRO B 59 19.06 -37.01 19.16
C PRO B 59 18.17 -37.68 20.25
N PRO B 60 18.21 -39.04 20.39
CA PRO B 60 17.39 -39.68 21.44
C PRO B 60 17.83 -39.33 22.88
N SER B 61 19.00 -38.69 23.02
CA SER B 61 19.44 -38.04 24.27
C SER B 61 18.52 -36.89 24.68
N TRP B 62 18.16 -36.03 23.72
CA TRP B 62 17.27 -34.91 23.97
C TRP B 62 15.91 -35.40 24.41
N ASN B 63 15.41 -34.75 25.45
CA ASN B 63 14.15 -35.08 26.13
C ASN B 63 12.92 -34.65 25.30
N LEU B 64 12.38 -35.56 24.48
CA LEU B 64 11.17 -35.29 23.67
C LEU B 64 10.01 -36.28 23.92
N LEU B 65 8.97 -35.80 24.59
CA LEU B 65 7.82 -36.61 24.98
C LEU B 65 6.58 -36.42 24.07
N VAL B 66 5.82 -37.50 23.86
CA VAL B 66 4.59 -37.46 23.04
C VAL B 66 3.39 -38.21 23.64
N GLN B 67 3.01 -37.88 24.88
CA GLN B 67 1.77 -38.44 25.46
C GLN B 67 0.59 -38.00 24.56
N LYS B 68 0.13 -38.92 23.72
CA LYS B 68 -0.95 -38.63 22.77
C LYS B 68 -2.25 -38.37 23.52
N GLY B 69 -2.64 -37.10 23.60
CA GLY B 69 -3.73 -36.67 24.46
C GLY B 69 -3.27 -35.51 25.33
N LYS B 70 -2.04 -35.59 25.83
CA LYS B 70 -1.43 -34.46 26.55
C LYS B 70 -0.74 -33.49 25.60
N GLY B 71 -0.30 -34.00 24.45
CA GLY B 71 0.37 -33.20 23.41
C GLY B 71 1.85 -33.54 23.30
N ILE B 72 2.72 -32.53 23.42
CA ILE B 72 4.17 -32.75 23.39
C ILE B 72 4.97 -31.83 24.33
N TYR B 73 6.11 -32.36 24.77
CA TYR B 73 7.03 -31.67 25.66
C TYR B 73 8.45 -31.83 25.14
N LEU B 74 9.22 -30.76 25.22
CA LEU B 74 10.63 -30.80 24.88
C LEU B 74 11.46 -29.83 25.74
N LYS B 75 12.58 -30.35 26.25
CA LYS B 75 13.71 -29.55 26.74
C LYS B 75 15.03 -30.26 26.42
N LYS B 76 15.73 -29.71 25.44
CA LYS B 76 17.05 -30.19 25.06
C LYS B 76 18.01 -30.00 26.22
N PRO B 77 19.14 -30.72 26.19
CA PRO B 77 20.14 -30.47 27.23
C PRO B 77 20.69 -29.03 27.16
N LEU B 78 21.00 -28.47 28.33
CA LEU B 78 21.41 -27.07 28.45
C LEU B 78 22.73 -26.79 27.74
N ASN B 79 23.52 -27.83 27.54
CA ASN B 79 24.84 -27.74 26.91
C ASN B 79 24.87 -27.92 25.37
N GLU B 80 23.71 -28.20 24.79
CA GLU B 80 23.60 -28.36 23.34
C GLU B 80 22.73 -27.28 22.73
N SER B 81 22.92 -27.09 21.41
CA SER B 81 22.23 -26.07 20.63
C SER B 81 21.06 -26.65 19.80
N LEU B 82 20.06 -25.82 19.52
CA LEU B 82 19.03 -26.14 18.53
C LEU B 82 19.56 -25.91 17.13
N SER B 83 20.74 -25.30 17.01
CA SER B 83 21.35 -25.05 15.71
C SER B 83 21.28 -26.27 14.84
N PHE B 84 21.39 -27.43 15.46
CA PHE B 84 21.36 -28.69 14.75
C PHE B 84 20.07 -28.82 13.93
N VAL B 85 18.92 -28.68 14.61
CA VAL B 85 17.62 -28.85 13.98
C VAL B 85 17.22 -27.66 13.10
N GLU B 86 17.56 -26.45 13.55
CA GLU B 86 17.25 -25.23 12.82
C GLU B 86 17.90 -25.23 11.47
N SER B 87 19.16 -25.64 11.42
CA SER B 87 19.89 -25.76 10.16
C SER B 87 19.19 -26.74 9.22
N LYS B 88 18.68 -27.85 9.74
CA LYS B 88 17.99 -28.78 8.89
C LYS B 88 16.73 -28.15 8.32
N ILE B 89 16.01 -27.37 9.13
CA ILE B 89 14.86 -26.61 8.61
C ILE B 89 15.28 -25.67 7.48
N LEU B 90 16.41 -24.98 7.67
CA LEU B 90 16.86 -24.05 6.64
C LEU B 90 17.24 -24.71 5.30
N ARG B 91 17.93 -25.83 5.37
CA ARG B 91 18.35 -26.52 4.16
C ARG B 91 17.20 -27.25 3.49
N LYS B 92 16.23 -27.71 4.26
CA LYS B 92 15.07 -28.37 3.68
C LYS B 92 14.12 -27.39 2.96
N SER B 93 14.14 -26.11 3.31
CA SER B 93 13.15 -25.19 2.79
C SER B 93 13.32 -24.85 1.32
N LEU B 94 12.37 -25.28 0.54
CA LEU B 94 12.36 -25.04 -0.86
C LEU B 94 12.25 -23.55 -1.17
N ASN B 95 11.22 -22.89 -0.66
CA ASN B 95 11.02 -21.48 -1.00
C ASN B 95 12.27 -20.65 -0.70
N LEU B 96 12.92 -20.94 0.42
CA LEU B 96 14.13 -20.20 0.75
C LEU B 96 15.25 -20.44 -0.31
N GLN B 97 15.36 -21.66 -0.81
CA GLN B 97 16.34 -21.96 -1.83
C GLN B 97 16.02 -21.22 -3.13
N ILE B 98 14.75 -21.17 -3.49
CA ILE B 98 14.34 -20.45 -4.70
C ILE B 98 14.67 -18.97 -4.52
N CYS B 99 14.39 -18.41 -3.34
CA CYS B 99 14.70 -17.01 -3.06
C CYS B 99 16.20 -16.78 -3.18
N GLU B 100 16.99 -17.64 -2.57
CA GLU B 100 18.46 -17.52 -2.69
C GLU B 100 18.90 -17.61 -4.17
N GLU B 101 18.40 -18.59 -4.91
CA GLU B 101 18.71 -18.67 -6.33
C GLU B 101 18.35 -17.40 -7.07
N LEU B 102 17.16 -16.90 -6.82
CA LEU B 102 16.67 -15.72 -7.52
C LEU B 102 17.51 -14.48 -7.24
N VAL B 103 18.17 -14.42 -6.11
CA VAL B 103 18.84 -13.19 -5.72
C VAL B 103 20.32 -13.27 -5.99
N PHE B 104 20.86 -14.49 -5.98
CA PHE B 104 22.28 -14.67 -6.10
C PHE B 104 22.80 -15.29 -7.39
N LYS B 105 21.98 -16.06 -8.10
CA LYS B 105 22.41 -16.81 -9.28
C LYS B 105 21.81 -16.34 -10.60
N LYS B 106 22.39 -16.85 -11.68
CA LYS B 106 21.83 -16.75 -13.01
C LYS B 106 20.99 -17.98 -13.20
N ASN B 107 19.83 -17.83 -13.80
CA ASN B 107 18.98 -18.95 -14.09
C ASN B 107 17.99 -18.58 -15.18
N SER B 108 17.38 -19.62 -15.71
CA SER B 108 16.23 -19.50 -16.54
C SER B 108 15.22 -20.37 -15.80
N GLN B 110 13.78 -23.13 -16.91
CA GLN B 110 14.11 -24.57 -17.14
C GLN B 110 15.35 -24.96 -16.36
N SER B 111 16.33 -24.07 -16.34
CA SER B 111 17.54 -24.28 -15.54
C SER B 111 17.35 -24.36 -14.03
N LEU B 112 16.53 -23.47 -13.47
CA LEU B 112 16.22 -23.51 -12.04
C LEU B 112 15.37 -24.72 -11.65
N ALA B 113 14.38 -25.06 -12.47
CA ALA B 113 13.58 -26.29 -12.21
C ALA B 113 14.47 -27.55 -12.27
N GLN B 114 15.51 -27.49 -13.09
CA GLN B 114 16.52 -28.54 -13.19
CA GLN B 114 16.48 -28.57 -13.16
C GLN B 114 17.19 -28.70 -11.81
N LYS B 115 17.86 -27.62 -11.34
CA LYS B 115 18.56 -27.66 -10.03
C LYS B 115 17.68 -28.21 -8.90
N LEU B 116 16.41 -27.81 -8.86
CA LEU B 116 15.51 -28.20 -7.77
C LEU B 116 14.78 -29.50 -8.00
N HIS B 117 15.15 -30.24 -9.04
CA HIS B 117 14.49 -31.52 -9.41
C HIS B 117 12.95 -31.39 -9.39
N LEU B 118 12.44 -30.32 -10.02
CA LEU B 118 11.00 -30.07 -10.16
C LEU B 118 10.61 -29.94 -11.62
N GLN B 119 9.37 -30.29 -11.97
CA GLN B 119 8.85 -29.92 -13.29
C GLN B 119 8.57 -28.42 -13.32
N VAL B 120 8.71 -27.81 -14.49
CA VAL B 120 8.46 -26.37 -14.64
C VAL B 120 7.03 -25.98 -14.22
N GLY B 121 6.09 -26.88 -14.39
CA GLY B 121 4.69 -26.65 -14.00
C GLY B 121 4.45 -26.74 -12.51
N ALA B 122 5.48 -27.06 -11.75
CA ALA B 122 5.43 -26.99 -10.29
C ALA B 122 6.23 -25.78 -9.75
N LEU B 123 7.20 -25.32 -10.52
CA LEU B 123 8.04 -24.20 -10.13
C LEU B 123 7.38 -22.85 -10.48
N TYR B 124 6.67 -22.82 -11.59
CA TYR B 124 6.19 -21.56 -12.12
C TYR B 124 5.11 -21.00 -11.19
N PRO B 125 4.22 -21.86 -10.69
CA PRO B 125 3.25 -21.25 -9.76
C PRO B 125 3.91 -20.72 -8.51
N ILE B 126 4.96 -21.40 -8.05
CA ILE B 126 5.66 -20.88 -6.89
C ILE B 126 6.32 -19.55 -7.22
N ILE B 127 6.87 -19.39 -8.42
CA ILE B 127 7.50 -18.11 -8.82
C ILE B 127 6.46 -17.00 -8.89
N ASN B 128 5.28 -17.31 -9.40
CA ASN B 128 4.24 -16.30 -9.50
C ASN B 128 3.81 -15.85 -8.14
N GLN B 129 3.69 -16.79 -7.23
CA GLN B 129 3.27 -16.47 -5.91
C GLN B 129 4.29 -15.58 -5.26
N ILE B 130 5.57 -15.90 -5.37
CA ILE B 130 6.60 -15.07 -4.77
C ILE B 130 6.60 -13.67 -5.36
N ASN B 131 6.48 -13.61 -6.69
CA ASN B 131 6.46 -12.34 -7.36
C ASN B 131 5.31 -11.51 -6.84
N TYR B 132 4.20 -12.18 -6.54
CA TYR B 132 3.04 -11.52 -6.04
C TYR B 132 3.31 -11.04 -4.61
N ASP B 133 3.83 -11.92 -3.78
CA ASP B 133 4.11 -11.59 -2.38
C ASP B 133 5.12 -10.45 -2.21
N ILE B 134 6.10 -10.31 -3.11
CA ILE B 134 7.10 -9.25 -2.95
C ILE B 134 6.78 -7.90 -3.58
N GLN B 135 5.56 -7.72 -4.08
CA GLN B 135 5.18 -6.44 -4.66
C GLN B 135 5.23 -5.38 -3.59
N SER B 136 4.72 -5.73 -2.42
CA SER B 136 4.64 -4.81 -1.31
C SER B 136 6.02 -4.44 -0.80
N SER B 137 7.05 -5.14 -1.27
CA SER B 137 8.42 -4.84 -0.91
C SER B 137 9.12 -3.99 -1.96
N HIS B 138 8.37 -3.60 -2.98
CA HIS B 138 8.89 -2.92 -4.18
C HIS B 138 9.89 -3.74 -4.95
N LEU B 139 9.69 -5.06 -4.97
CA LEU B 139 10.51 -5.95 -5.76
C LEU B 139 9.64 -6.57 -6.84
N ASN B 140 10.32 -7.25 -7.76
CA ASN B 140 9.73 -7.89 -8.93
C ASN B 140 10.60 -9.03 -9.37
N ILE B 141 10.07 -9.87 -10.22
CA ILE B 141 10.85 -10.94 -10.77
C ILE B 141 10.96 -10.72 -12.25
N LYS B 142 12.17 -10.54 -12.74
CA LYS B 142 12.46 -10.51 -14.18
C LYS B 142 12.30 -11.90 -14.78
N LYS B 143 11.97 -11.97 -16.06
CA LYS B 143 11.74 -13.22 -16.81
CA LYS B 143 11.77 -13.28 -16.71
C LYS B 143 13.05 -13.79 -17.36
N LYS B 144 13.88 -12.88 -17.90
CA LYS B 144 15.14 -13.28 -18.56
C LYS B 144 16.23 -12.25 -18.35
N PRO B 145 17.27 -12.61 -17.58
CA PRO B 145 17.39 -13.86 -16.80
C PRO B 145 16.42 -13.88 -15.60
N LEU B 146 16.07 -15.07 -15.14
CA LEU B 146 15.16 -15.21 -14.02
C LEU B 146 15.84 -14.71 -12.77
N GLU B 147 15.38 -13.58 -12.27
CA GLU B 147 15.96 -13.03 -11.08
C GLU B 147 15.03 -12.06 -10.39
N ILE B 148 15.37 -11.74 -9.16
CA ILE B 148 14.64 -10.75 -8.42
C ILE B 148 15.25 -9.40 -8.71
N SER B 149 14.40 -8.40 -8.78
CA SER B 149 14.76 -7.11 -9.28
C SER B 149 14.12 -6.02 -8.45
N GLY B 150 14.85 -4.95 -8.26
CA GLY B 150 14.37 -3.80 -7.52
C GLY B 150 15.54 -2.95 -7.12
N ARG B 151 15.31 -2.03 -6.21
CA ARG B 151 16.40 -1.25 -5.65
C ARG B 151 17.36 -2.19 -4.93
N GLU B 152 18.64 -1.97 -5.19
CA GLU B 152 19.70 -2.82 -4.70
C GLU B 152 19.72 -2.92 -3.18
N GLN B 153 19.42 -1.82 -2.48
CA GLN B 153 19.40 -1.84 -1.01
C GLN B 153 18.24 -2.71 -0.52
N ASP B 154 17.17 -2.73 -1.31
CA ASP B 154 15.95 -3.40 -0.95
C ASP B 154 16.11 -4.88 -1.17
N VAL B 155 16.74 -5.28 -2.28
CA VAL B 155 16.98 -6.70 -2.56
C VAL B 155 17.84 -7.26 -1.44
N ARG B 156 18.86 -6.53 -1.04
CA ARG B 156 19.75 -6.98 0.03
C ARG B 156 19.05 -7.17 1.35
N VAL B 157 18.21 -6.22 1.71
CA VAL B 157 17.47 -6.28 2.97
C VAL B 157 16.40 -7.35 2.95
N PHE B 158 15.75 -7.56 1.80
CA PHE B 158 14.82 -8.69 1.58
C PHE B 158 15.53 -9.97 2.02
N LEU B 160 18.40 -10.35 3.70
CA LEU B 160 18.76 -10.26 5.13
C LEU B 160 17.63 -10.62 6.10
N ARG B 161 16.39 -10.29 5.76
CA ARG B 161 15.22 -10.56 6.62
C ARG B 161 14.70 -11.98 6.50
N LEU B 162 14.91 -12.63 5.37
CA LEU B 162 14.64 -14.07 5.27
C LEU B 162 15.55 -14.87 6.20
N TYR B 163 16.73 -14.31 6.51
CA TYR B 163 17.64 -14.88 7.53
C TYR B 163 17.44 -14.30 8.96
N CYS B 164 16.28 -13.73 9.29
CA CYS B 164 16.11 -13.06 10.59
C CYS B 164 16.46 -13.95 11.79
N ASN B 165 16.18 -15.24 11.73
CA ASN B 165 16.56 -16.12 12.84
C ASN B 165 17.41 -17.37 12.51
N ILE B 166 18.34 -17.24 11.59
CA ILE B 166 19.29 -18.32 11.36
C ILE B 166 20.22 -18.47 12.56
N PRO B 167 20.67 -19.72 12.84
CA PRO B 167 21.57 -19.94 13.96
C PRO B 167 22.88 -19.21 13.78
N ASN B 168 23.61 -19.02 14.88
CA ASN B 168 24.89 -18.26 14.85
C ASN B 168 26.02 -18.88 14.01
N ASP B 169 25.90 -20.15 13.68
CA ASP B 169 26.88 -20.80 12.79
C ASP B 169 26.31 -21.05 11.37
N TYR B 170 25.15 -20.51 11.05
CA TYR B 170 24.58 -20.79 9.75
C TYR B 170 25.21 -19.91 8.70
N TRP B 171 25.87 -20.54 7.74
CA TRP B 171 26.55 -19.83 6.65
C TRP B 171 26.08 -20.44 5.36
N PRO B 172 25.21 -19.74 4.65
CA PRO B 172 24.70 -20.25 3.38
C PRO B 172 25.51 -19.81 2.15
N PHE B 173 26.81 -19.58 2.31
CA PHE B 173 27.62 -18.98 1.22
C PHE B 173 28.87 -19.82 0.98
N PRO B 174 28.68 -20.92 0.27
CA PRO B 174 29.81 -21.81 0.13
C PRO B 174 30.91 -21.26 -0.78
N TYR B 175 30.68 -20.11 -1.43
CA TYR B 175 31.72 -19.46 -2.25
C TYR B 175 32.17 -18.19 -1.60
N ILE B 176 31.80 -17.97 -0.35
CA ILE B 176 32.42 -16.89 0.42
C ILE B 176 33.01 -17.43 1.71
N ASN B 177 34.32 -17.30 1.90
CA ASN B 177 34.95 -17.93 3.04
C ASN B 177 34.62 -17.15 4.30
N LYS B 178 33.88 -17.75 5.22
CA LYS B 178 33.41 -16.99 6.36
C LYS B 178 34.53 -16.23 7.08
N GLN B 179 35.62 -16.90 7.36
CA GLN B 179 36.70 -16.31 8.15
C GLN B 179 37.31 -15.06 7.49
N ASN B 180 37.30 -15.02 6.16
CA ASN B 180 37.80 -13.86 5.42
C ASN B 180 36.96 -12.63 5.70
N ILE B 181 35.71 -12.84 6.11
CA ILE B 181 34.86 -11.74 6.47
C ILE B 181 35.00 -11.40 7.94
N THR B 182 35.06 -12.44 8.76
CA THR B 182 35.27 -12.29 10.18
C THR B 182 36.59 -11.53 10.45
N ASP B 183 37.63 -11.80 9.67
CA ASP B 183 38.90 -11.12 9.87
C ASP B 183 38.73 -9.62 9.69
N LEU B 184 37.98 -9.23 8.65
CA LEU B 184 37.71 -7.81 8.36
C LEU B 184 36.86 -7.19 9.47
N ILE B 185 35.77 -7.84 9.86
CA ILE B 185 34.99 -7.32 10.98
C ILE B 185 35.85 -7.17 12.23
N ASN B 186 36.63 -8.18 12.57
CA ASN B 186 37.52 -8.10 13.75
C ASN B 186 38.35 -6.84 13.81
N LYS B 187 38.94 -6.46 12.69
CA LYS B 187 39.73 -5.23 12.58
C LYS B 187 38.90 -3.97 12.88
N GLU B 189 36.13 -3.85 14.64
CA GLU B 189 35.82 -3.91 16.07
C GLU B 189 36.99 -3.33 16.91
N LYS B 190 38.22 -3.58 16.44
CA LYS B 190 39.39 -3.06 17.10
C LYS B 190 39.45 -1.55 16.90
N ILE B 191 39.35 -1.13 15.65
CA ILE B 191 39.48 0.28 15.28
C ILE B 191 38.50 1.18 16.02
N LEU B 192 37.28 0.70 16.29
CA LEU B 192 36.26 1.49 17.00
C LEU B 192 36.33 1.29 18.51
N ASN B 193 37.29 0.47 18.95
CA ASN B 193 37.38 -0.02 20.34
C ASN B 193 36.03 -0.39 20.95
N VAL B 194 35.46 -1.50 20.48
CA VAL B 194 34.16 -1.97 20.95
C VAL B 194 34.14 -3.49 20.95
N GLN B 195 33.08 -4.06 21.47
CA GLN B 195 32.96 -5.51 21.47
C GLN B 195 31.53 -5.89 21.12
N TYR B 197 28.33 -8.60 20.41
CA TYR B 197 27.81 -9.91 20.77
C TYR B 197 27.97 -10.87 19.57
N THR B 198 28.15 -12.16 19.86
CA THR B 198 28.39 -13.18 18.84
C THR B 198 27.39 -13.21 17.71
N TYR B 199 26.10 -13.20 18.05
CA TYR B 199 25.10 -13.33 17.01
C TYR B 199 25.13 -12.10 16.12
N SER B 200 25.16 -10.94 16.76
CA SER B 200 25.24 -9.66 16.04
C SER B 200 26.37 -9.68 15.05
N LYS B 201 27.52 -10.19 15.48
CA LYS B 201 28.71 -10.26 14.63
C LYS B 201 28.47 -11.14 13.45
N HIS B 202 27.86 -12.29 13.71
CA HIS B 202 27.52 -13.25 12.65
C HIS B 202 26.57 -12.65 11.61
N LYS B 203 25.61 -11.89 12.09
CA LYS B 203 24.65 -11.27 11.21
C LYS B 203 25.26 -10.13 10.42
N LEU B 204 26.27 -9.50 11.00
CA LEU B 204 27.00 -8.51 10.23
C LEU B 204 27.91 -9.19 9.18
N CYS B 205 28.47 -10.36 9.45
CA CYS B 205 29.20 -11.12 8.42
C CYS B 205 28.26 -11.58 7.29
N VAL B 206 27.05 -12.00 7.66
CA VAL B 206 26.08 -12.43 6.68
C VAL B 206 25.77 -11.30 5.71
N LEU B 207 25.57 -10.11 6.25
CA LEU B 207 25.19 -8.97 5.43
C LEU B 207 26.34 -8.65 4.48
N PHE B 208 27.55 -8.64 5.03
CA PHE B 208 28.76 -8.51 4.22
C PHE B 208 28.80 -9.53 3.09
N ALA B 209 28.52 -10.80 3.38
CA ALA B 209 28.50 -11.81 2.32
C ALA B 209 27.41 -11.55 1.29
N ILE B 210 26.21 -11.17 1.75
CA ILE B 210 25.16 -10.74 0.82
C ILE B 210 25.72 -9.65 -0.11
N THR B 211 26.22 -8.57 0.49
CA THR B 211 26.75 -7.47 -0.31
C THR B 211 27.81 -7.97 -1.29
N ILE B 212 28.74 -8.78 -0.81
CA ILE B 212 29.83 -9.27 -1.68
C ILE B 212 29.31 -10.15 -2.81
N SER B 213 28.39 -11.03 -2.49
CA SER B 213 27.80 -11.88 -3.51
C SER B 213 27.10 -11.02 -4.58
N ARG B 214 26.45 -9.94 -4.17
CA ARG B 214 25.73 -9.05 -5.09
C ARG B 214 26.67 -8.26 -6.00
N LEU B 215 27.72 -7.68 -5.43
CA LEU B 215 28.76 -6.97 -6.21
C LEU B 215 29.42 -7.83 -7.29
N LEU B 216 29.78 -9.07 -6.95
CA LEU B 216 30.32 -10.03 -7.90
C LEU B 216 29.37 -10.42 -9.00
N SER B 217 28.07 -10.32 -8.72
CA SER B 217 27.06 -10.66 -9.72
C SER B 217 26.67 -9.43 -10.55
N GLY B 218 27.39 -8.32 -10.41
CA GLY B 218 27.11 -7.14 -11.21
C GLY B 218 26.37 -6.00 -10.53
N ASN B 219 25.73 -6.26 -9.39
CA ASN B 219 24.76 -5.32 -8.84
C ASN B 219 25.33 -4.48 -7.74
N THR B 220 25.22 -3.17 -7.90
CA THR B 220 25.74 -2.26 -6.90
C THR B 220 24.70 -1.17 -6.66
N ILE B 221 24.87 -0.43 -5.58
CA ILE B 221 23.97 0.68 -5.26
C ILE B 221 24.27 1.89 -6.13
N ASP B 222 23.29 2.27 -6.95
CA ASP B 222 23.36 3.47 -7.77
C ASP B 222 22.90 4.68 -6.97
N ASN B 223 21.80 4.50 -6.22
CA ASN B 223 21.05 5.60 -5.62
C ASN B 223 20.55 5.46 -4.16
N VAL B 224 20.94 6.41 -3.31
CA VAL B 224 20.54 6.52 -1.89
C VAL B 224 19.17 7.22 -1.79
N SER B 225 18.46 7.08 -0.66
CA SER B 225 17.27 7.92 -0.38
C SER B 225 17.60 9.29 0.24
N GLY B 226 18.68 9.35 1.06
CA GLY B 226 19.07 10.58 1.76
C GLY B 226 18.73 10.56 3.25
N LEU B 227 17.63 9.90 3.61
CA LEU B 227 17.12 9.83 5.00
C LEU B 227 18.00 9.03 5.96
N ILE B 228 18.84 8.17 5.39
CA ILE B 228 19.89 7.47 6.13
C ILE B 228 21.16 7.32 5.28
N LEU B 229 22.14 8.17 5.54
CA LEU B 229 23.51 7.98 5.05
C LEU B 229 24.35 8.13 6.32
N VAL B 230 25.41 7.35 6.44
CA VAL B 230 26.45 7.65 7.43
C VAL B 230 27.30 8.81 6.92
N ASN B 231 27.45 9.82 7.79
CA ASN B 231 28.33 10.95 7.56
C ASN B 231 29.73 10.51 7.08
N LYS B 232 30.14 10.91 5.88
CA LYS B 232 31.47 10.50 5.38
C LYS B 232 32.64 10.94 6.29
N ASN B 233 32.35 11.76 7.30
CA ASN B 233 33.30 12.09 8.37
C ASN B 233 33.11 11.27 9.63
N ASP B 234 32.09 10.42 9.64
CA ASP B 234 31.79 9.60 10.83
C ASP B 234 32.82 8.47 10.99
N ASP B 235 33.23 8.22 12.23
CA ASP B 235 34.14 7.11 12.52
C ASP B 235 33.76 5.84 11.75
N HIS B 236 32.47 5.51 11.78
CA HIS B 236 31.97 4.28 11.20
C HIS B 236 32.28 4.18 9.72
N TYR B 237 32.00 5.24 8.97
CA TYR B 237 32.40 5.30 7.57
C TYR B 237 33.92 5.07 7.41
N LYS B 238 34.71 5.74 8.24
CA LYS B 238 36.19 5.70 8.11
C LYS B 238 36.72 4.31 8.42
N THR B 239 36.19 3.70 9.48
CA THR B 239 36.48 2.30 9.80
C THR B 239 36.31 1.39 8.56
N VAL B 240 35.17 1.51 7.87
CA VAL B 240 34.91 0.68 6.70
C VAL B 240 35.92 1.03 5.60
N ALA B 241 36.17 2.33 5.44
CA ALA B 241 37.19 2.78 4.49
C ALA B 241 38.58 2.20 4.76
N SER B 242 38.96 1.99 6.02
CA SER B 242 40.26 1.32 6.33
C SER B 242 40.34 -0.02 5.59
N ILE B 243 39.35 -0.86 5.84
CA ILE B 243 39.41 -2.25 5.41
C ILE B 243 39.07 -2.47 3.94
N THR B 244 38.61 -1.43 3.26
CA THR B 244 38.01 -1.59 1.94
C THR B 244 39.01 -2.16 0.91
N SER B 245 40.24 -1.71 0.96
CA SER B 245 41.25 -2.11 -0.03
C SER B 245 41.53 -3.59 0.02
N GLU B 246 41.73 -4.14 1.23
CA GLU B 246 41.94 -5.59 1.34
C GLU B 246 40.70 -6.39 0.96
N LEU B 247 39.53 -5.90 1.40
CA LEU B 247 38.25 -6.44 0.95
C LEU B 247 38.27 -6.60 -0.56
N GLN B 248 38.65 -5.55 -1.27
CA GLN B 248 38.58 -5.56 -2.73
C GLN B 248 39.52 -6.57 -3.40
N ASN B 249 40.75 -6.70 -2.88
CA ASN B 249 41.75 -7.62 -3.47
C ASN B 249 41.50 -9.07 -3.12
N SER B 250 40.89 -9.31 -1.94
CA SER B 250 40.38 -10.65 -1.56
C SER B 250 39.33 -11.13 -2.55
N PHE B 251 38.26 -10.35 -2.70
CA PHE B 251 37.08 -10.85 -3.38
C PHE B 251 36.90 -10.48 -4.83
N GLY B 252 37.63 -9.49 -5.30
CA GLY B 252 37.58 -9.10 -6.69
C GLY B 252 36.35 -8.27 -6.95
N VAL B 253 36.12 -7.27 -6.09
CA VAL B 253 35.00 -6.34 -6.21
C VAL B 253 35.52 -4.97 -5.90
N THR B 254 34.84 -3.94 -6.39
CA THR B 254 35.19 -2.55 -6.10
C THR B 254 34.00 -1.93 -5.36
N LEU B 255 34.32 -1.21 -4.29
CA LEU B 255 33.34 -0.51 -3.48
C LEU B 255 33.43 0.95 -3.77
N HIS B 256 32.41 1.54 -4.36
CA HIS B 256 32.38 2.99 -4.50
C HIS B 256 31.81 3.58 -3.20
N GLU B 257 31.71 4.91 -3.15
CA GLU B 257 31.42 5.64 -1.91
C GLU B 257 30.11 5.20 -1.25
N THR B 258 29.10 4.96 -2.04
CA THR B 258 27.78 4.63 -1.51
C THR B 258 27.71 3.20 -0.96
N GLU B 259 28.55 2.33 -1.52
CA GLU B 259 28.68 0.97 -1.08
C GLU B 259 29.33 0.96 0.31
N ILE B 260 30.34 1.79 0.49
CA ILE B 260 31.06 1.88 1.76
C ILE B 260 30.08 2.38 2.80
N SER B 261 29.25 3.33 2.38
CA SER B 261 28.29 3.96 3.28
C SER B 261 27.23 2.97 3.80
N PHE B 262 26.78 2.07 2.93
CA PHE B 262 25.84 1.01 3.30
C PHE B 262 26.44 0.04 4.32
N LEU B 263 27.67 -0.38 4.06
CA LEU B 263 28.36 -1.26 5.00
C LEU B 263 28.58 -0.55 6.32
N ALA B 264 28.91 0.74 6.26
CA ALA B 264 29.03 1.54 7.49
C ALA B 264 27.72 1.62 8.24
N LEU B 265 26.61 1.74 7.50
CA LEU B 265 25.30 1.69 8.14
C LEU B 265 25.08 0.38 8.88
N ALA B 266 25.31 -0.74 8.19
CA ALA B 266 25.15 -2.07 8.80
C ALA B 266 25.97 -2.22 10.08
N LEU B 267 27.26 -1.93 9.95
CA LEU B 267 28.17 -1.90 11.10
C LEU B 267 27.56 -1.13 12.25
N LEU B 268 27.13 0.11 12.00
CA LEU B 268 26.55 0.94 13.06
C LEU B 268 25.27 0.34 13.66
N LEU B 269 24.40 -0.24 12.84
CA LEU B 269 23.18 -0.84 13.37
C LEU B 269 23.51 -2.07 14.19
N SER B 270 24.47 -2.86 13.74
CA SER B 270 24.88 -4.07 14.46
C SER B 270 25.41 -3.75 15.86
N LEU B 271 25.98 -2.55 15.98
CA LEU B 271 26.46 -2.02 17.27
C LEU B 271 25.35 -1.46 18.14
N GLY B 272 24.20 -1.12 17.56
CA GLY B 272 22.97 -0.97 18.33
C GLY B 272 23.11 -1.62 19.69
N ASN B 273 23.15 -2.95 19.71
CA ASN B 273 23.57 -3.67 20.92
C ASN B 273 25.03 -4.13 20.86
N SER B 274 25.73 -3.91 21.96
CA SER B 274 27.11 -4.34 22.10
C SER B 274 27.48 -4.27 23.57
N ILE B 275 28.71 -4.66 23.87
CA ILE B 275 29.16 -4.81 25.25
C ILE B 275 29.51 -3.44 25.85
N THR B 276 28.55 -2.87 26.60
CA THR B 276 28.57 -1.48 27.08
C THR B 276 28.99 -0.47 25.99
N ASN B 280 28.06 4.74 24.88
CA ASN B 280 28.21 6.17 25.16
C ASN B 280 28.44 7.03 23.90
N LYS B 281 29.36 6.60 23.04
CA LYS B 281 29.77 7.36 21.84
C LYS B 281 29.13 6.85 20.53
N THR B 282 28.90 5.54 20.42
CA THR B 282 28.21 4.98 19.25
C THR B 282 26.72 5.36 19.27
N LEU B 283 26.15 5.53 20.47
CA LEU B 283 24.78 6.06 20.68
C LEU B 283 24.54 7.45 20.07
N THR B 284 25.54 8.31 20.20
CA THR B 284 25.50 9.65 19.64
C THR B 284 25.56 9.55 18.13
N SER B 285 26.39 8.62 17.64
CA SER B 285 26.55 8.42 16.20
C SER B 285 25.27 7.79 15.59
N TYR B 286 24.64 6.89 16.34
CA TYR B 286 23.35 6.30 15.98
C TYR B 286 22.32 7.40 15.80
N LYS B 287 22.16 8.23 16.83
CA LYS B 287 21.13 9.27 16.82
C LYS B 287 21.27 10.17 15.59
N LYS B 288 22.48 10.61 15.30
CA LYS B 288 22.75 11.45 14.16
C LYS B 288 22.22 10.83 12.86
N THR B 289 22.50 9.55 12.67
CA THR B 289 22.21 8.86 11.41
C THR B 289 20.71 8.59 11.21
N ILE B 290 20.03 8.23 12.30
CA ILE B 290 18.62 7.87 12.25
C ILE B 290 17.67 9.06 12.50
N PRO B 292 17.21 11.88 10.97
CA PRO B 292 16.44 12.35 9.80
C PRO B 292 15.21 11.48 9.45
N LEU B 293 15.35 10.15 9.59
CA LEU B 293 14.24 9.22 9.40
C LEU B 293 13.16 9.37 10.47
N ALA B 294 13.60 9.61 11.71
CA ALA B 294 12.67 9.84 12.81
C ALA B 294 11.83 11.09 12.57
N LYS B 295 12.44 12.09 11.93
CA LYS B 295 11.74 13.33 11.56
C LYS B 295 10.83 13.11 10.40
N GLU B 296 11.28 12.36 9.40
CA GLU B 296 10.40 12.00 8.28
C GLU B 296 9.16 11.19 8.78
N ILE B 297 9.40 10.22 9.65
CA ILE B 297 8.33 9.40 10.19
C ILE B 297 7.29 10.22 10.96
N THR B 298 7.79 11.10 11.83
CA THR B 298 6.95 12.02 12.61
C THR B 298 6.14 13.02 11.76
N LYS B 299 6.76 13.56 10.73
CA LYS B 299 6.13 14.55 9.89
C LYS B 299 5.02 13.89 9.07
N GLY B 300 5.28 12.68 8.56
CA GLY B 300 4.26 11.95 7.81
C GLY B 300 3.08 11.60 8.71
N ILE B 301 3.35 11.05 9.88
CA ILE B 301 2.28 10.69 10.79
C ILE B 301 1.45 11.89 11.24
N GLU B 302 2.14 12.97 11.64
CA GLU B 302 1.49 14.22 12.06
C GLU B 302 0.58 14.79 10.99
N HIS B 303 1.02 14.70 9.73
CA HIS B 303 0.20 15.13 8.61
C HIS B 303 -1.15 14.40 8.56
N LYS B 304 -1.22 13.18 9.09
CA LYS B 304 -2.43 12.40 9.06
C LYS B 304 -3.22 12.50 10.36
N LEU B 305 -2.52 12.57 11.49
CA LEU B 305 -3.19 12.67 12.78
C LEU B 305 -3.63 14.10 13.12
N GLN B 306 -2.94 15.09 12.57
CA GLN B 306 -3.25 16.52 12.82
C GLN B 306 -3.45 16.82 14.32
N LEU B 307 -2.48 16.45 15.14
CA LEU B 307 -2.53 16.75 16.59
C LEU B 307 -2.12 18.18 16.92
N GLY B 308 -1.49 18.85 15.95
CA GLY B 308 -1.17 20.28 16.05
C GLY B 308 -0.04 20.60 16.99
N ILE B 309 0.77 19.61 17.30
CA ILE B 309 1.83 19.75 18.27
C ILE B 309 3.12 20.06 17.55
N ASN B 310 4.06 20.67 18.28
CA ASN B 310 5.48 20.64 17.93
C ASN B 310 6.16 19.54 18.74
N TYR B 311 6.77 18.60 18.04
CA TYR B 311 7.39 17.46 18.70
C TYR B 311 8.80 17.85 19.14
N ASP B 312 9.11 17.65 20.42
CA ASP B 312 10.41 18.13 20.93
C ASP B 312 11.52 17.12 20.62
N GLU B 313 12.76 17.49 20.95
CA GLU B 313 13.95 16.60 20.82
C GLU B 313 13.81 15.29 21.62
N SER B 314 13.06 15.32 22.72
CA SER B 314 12.84 14.14 23.56
C SER B 314 11.88 13.13 22.91
N PHE B 315 10.79 13.63 22.34
CA PHE B 315 9.83 12.81 21.59
C PHE B 315 10.48 12.14 20.39
N LEU B 316 11.22 12.91 19.61
CA LEU B 316 11.94 12.38 18.46
C LEU B 316 12.88 11.25 18.86
N THR B 317 13.61 11.45 19.94
CA THR B 317 14.60 10.48 20.41
C THR B 317 13.92 9.13 20.71
N TYR B 318 12.69 9.17 21.18
CA TYR B 318 11.90 7.94 21.38
C TYR B 318 11.54 7.28 20.05
N VAL B 319 11.26 8.08 19.03
CA VAL B 319 10.99 7.52 17.74
C VAL B 319 12.25 6.76 17.28
N VAL B 320 13.39 7.42 17.37
CA VAL B 320 14.66 6.77 17.09
C VAL B 320 14.85 5.47 17.92
N LEU B 321 14.31 5.43 19.15
CA LEU B 321 14.44 4.23 19.98
C LEU B 321 13.61 3.13 19.34
N ILE B 322 12.39 3.49 18.96
CA ILE B 322 11.52 2.56 18.32
C ILE B 322 12.17 2.03 17.05
N ILE B 323 12.77 2.91 16.27
CA ILE B 323 13.43 2.49 15.06
C ILE B 323 14.54 1.49 15.36
N LYS B 324 15.31 1.75 16.41
CA LYS B 324 16.39 0.86 16.82
C LYS B 324 15.83 -0.52 17.17
N LYS B 325 14.76 -0.55 17.95
CA LYS B 325 14.08 -1.82 18.28
C LYS B 325 13.79 -2.66 17.03
N ALA B 326 13.35 -2.01 15.96
CA ALA B 326 13.01 -2.71 14.73
C ALA B 326 14.25 -3.15 13.94
N LEU B 327 15.22 -2.26 13.81
CA LEU B 327 16.46 -2.60 13.15
C LEU B 327 17.28 -3.66 13.93
N ASP B 328 17.12 -3.74 15.25
CA ASP B 328 17.77 -4.77 16.09
C ASP B 328 17.27 -6.20 15.83
N LYS B 329 16.13 -6.35 15.21
CA LYS B 329 15.67 -7.71 14.85
C LYS B 329 16.63 -8.51 13.95
N ASN B 330 17.60 -7.86 13.32
CA ASN B 330 18.55 -8.56 12.48
C ASN B 330 19.71 -9.09 13.29
N PHE B 331 19.94 -8.49 14.46
CA PHE B 331 21.10 -8.79 15.30
C PHE B 331 20.75 -9.51 16.59
N ILE B 332 19.47 -9.86 16.73
CA ILE B 332 18.95 -10.71 17.80
C ILE B 332 18.24 -11.89 17.10
N GLN B 333 18.60 -13.11 17.44
CA GLN B 333 18.05 -14.26 16.72
C GLN B 333 16.53 -14.38 16.87
N TYR B 334 16.05 -14.59 18.08
CA TYR B 334 14.67 -14.98 18.27
C TYR B 334 13.80 -13.77 18.65
N TYR B 335 12.54 -13.81 18.23
CA TYR B 335 11.59 -12.73 18.44
C TYR B 335 10.53 -13.09 19.47
N ASN B 336 10.52 -12.40 20.61
CA ASN B 336 9.46 -12.49 21.61
C ASN B 336 8.20 -11.75 21.14
N TYR B 337 7.01 -12.29 21.42
CA TYR B 337 5.79 -11.86 20.68
C TYR B 337 4.86 -10.77 21.25
N ASN B 338 4.42 -10.91 22.51
CA ASN B 338 3.45 -9.97 23.12
C ASN B 338 2.08 -9.85 22.40
N ILE B 339 1.46 -10.95 22.00
CA ILE B 339 0.26 -10.83 21.17
C ILE B 339 -0.84 -10.04 21.89
N LYS B 340 -1.11 -10.41 23.15
CA LYS B 340 -2.13 -9.75 23.98
C LYS B 340 -1.94 -8.23 24.07
N PHE B 341 -0.78 -7.85 24.59
CA PHE B 341 -0.38 -6.45 24.77
C PHE B 341 -0.60 -5.62 23.50
N ILE B 342 -0.17 -6.15 22.36
CA ILE B 342 -0.41 -5.51 21.07
C ILE B 342 -1.90 -5.33 20.77
N ARG B 343 -2.70 -6.41 20.86
CA ARG B 343 -4.11 -6.31 20.48
C ARG B 343 -4.89 -5.36 21.40
N HIS B 344 -4.40 -5.20 22.63
CA HIS B 344 -4.96 -4.25 23.59
C HIS B 344 -4.75 -2.82 23.09
N ILE B 345 -3.52 -2.52 22.70
CA ILE B 345 -3.16 -1.24 22.08
C ILE B 345 -4.01 -0.97 20.82
N LYS B 346 -4.17 -2.00 20.01
CA LYS B 346 -4.91 -1.90 18.78
C LYS B 346 -6.40 -1.66 19.04
N GLN B 347 -6.93 -2.21 20.13
CA GLN B 347 -8.33 -2.02 20.48
C GLN B 347 -8.57 -0.62 21.02
N ARG B 348 -7.66 -0.17 21.88
CA ARG B 348 -7.70 1.17 22.44
C ARG B 348 -7.53 2.30 21.42
N HIS B 349 -6.93 2.04 20.26
CA HIS B 349 -6.62 3.10 19.31
C HIS B 349 -6.58 2.59 17.87
N PRO B 350 -7.65 1.92 17.43
CA PRO B 350 -7.59 1.25 16.13
C PRO B 350 -7.30 2.20 14.97
N ASN B 351 -7.89 3.40 14.98
CA ASN B 351 -7.68 4.36 13.90
C ASN B 351 -6.26 4.92 13.88
N THR B 352 -5.70 5.21 15.05
CA THR B 352 -4.30 5.64 15.08
C THR B 352 -3.36 4.54 14.61
N PHE B 353 -3.58 3.33 15.11
CA PHE B 353 -2.82 2.17 14.68
C PHE B 353 -2.78 2.11 13.15
N ASN B 354 -3.94 2.11 12.49
CA ASN B 354 -3.97 1.93 11.03
C ASN B 354 -3.25 3.07 10.30
N THR B 355 -3.41 4.29 10.80
CA THR B 355 -2.77 5.43 10.19
C THR B 355 -1.26 5.31 10.26
N ILE B 356 -0.75 4.82 11.38
CA ILE B 356 0.68 4.72 11.52
C ILE B 356 1.24 3.62 10.63
N GLN B 357 0.56 2.47 10.62
CA GLN B 357 0.80 1.37 9.65
C GLN B 357 0.88 1.85 8.20
N GLU B 358 -0.13 2.61 7.78
CA GLU B 358 -0.13 3.17 6.43
C GLU B 358 1.06 4.12 6.20
N CYS B 359 1.39 4.94 7.19
CA CYS B 359 2.46 5.92 7.02
C CYS B 359 3.80 5.22 6.94
N ILE B 360 4.02 4.30 7.87
CA ILE B 360 5.25 3.53 7.85
C ILE B 360 5.37 2.77 6.52
N SER B 361 4.27 2.22 6.01
CA SER B 361 4.33 1.45 4.75
C SER B 361 4.65 2.33 3.52
N ASN B 362 4.65 3.64 3.69
CA ASN B 362 5.03 4.54 2.61
C ASN B 362 6.48 4.95 2.65
N LEU B 363 7.22 4.45 3.62
CA LEU B 363 8.67 4.66 3.59
C LEU B 363 9.23 3.69 2.54
N ASN B 364 10.56 3.63 2.42
CA ASN B 364 11.21 2.59 1.62
C ASN B 364 11.21 1.24 2.33
N TYR B 365 11.36 0.15 1.57
CA TYR B 365 11.28 -1.22 2.12
C TYR B 365 12.43 -1.51 3.11
N THR B 366 13.59 -0.94 2.84
CA THR B 366 14.72 -0.98 3.79
C THR B 366 14.25 -0.67 5.20
N VAL B 367 13.36 0.30 5.34
CA VAL B 367 12.78 0.60 6.65
C VAL B 367 11.56 -0.26 7.02
N TYR B 368 10.48 -0.23 6.23
CA TYR B 368 9.23 -0.86 6.72
C TYR B 368 9.25 -2.40 6.83
N SER B 369 10.22 -3.04 6.19
CA SER B 369 10.46 -4.46 6.42
C SER B 369 10.59 -4.74 7.89
N HIS B 370 11.22 -3.85 8.65
CA HIS B 370 11.45 -4.13 10.09
C HIS B 370 10.28 -3.74 11.01
N PHE B 371 9.21 -3.15 10.50
CA PHE B 371 8.08 -2.78 11.33
C PHE B 371 6.94 -3.78 11.20
N ASP B 372 6.73 -4.57 12.25
CA ASP B 372 5.53 -5.39 12.44
C ASP B 372 4.61 -4.76 13.52
N CYS B 373 3.56 -5.48 13.85
CA CYS B 373 2.55 -5.03 14.77
C CYS B 373 3.10 -4.39 16.04
N TYR B 374 4.18 -4.93 16.55
CA TYR B 374 4.67 -4.46 17.83
C TYR B 374 5.18 -3.03 17.70
N GLU B 375 6.07 -2.81 16.75
CA GLU B 375 6.66 -1.49 16.59
C GLU B 375 5.56 -0.49 16.23
N ILE B 376 4.58 -0.89 15.45
CA ILE B 376 3.46 0.00 15.19
C ILE B 376 2.71 0.32 16.50
N SER B 377 2.55 -0.69 17.35
CA SER B 377 1.88 -0.50 18.63
C SER B 377 2.65 0.47 19.52
N LEU B 378 3.97 0.33 19.57
CA LEU B 378 4.83 1.30 20.28
C LEU B 378 4.65 2.73 19.81
N LEU B 379 4.69 2.95 18.49
CA LEU B 379 4.50 4.28 17.94
C LEU B 379 3.11 4.81 18.27
N THR B 380 2.13 3.93 18.30
CA THR B 380 0.77 4.35 18.62
C THR B 380 0.66 4.91 20.03
N HIS B 382 3.20 6.01 21.90
CA HIS B 382 4.04 7.19 21.86
C HIS B 382 3.33 8.44 21.34
N PHE B 383 2.50 8.28 20.32
CA PHE B 383 1.74 9.42 19.76
C PHE B 383 0.43 9.70 20.51
N GLU B 384 -0.26 8.68 21.01
CA GLU B 384 -1.45 8.93 21.83
C GLU B 384 -1.10 9.52 23.19
N THR B 385 0.13 9.30 23.62
CA THR B 385 0.69 9.93 24.80
C THR B 385 0.74 11.46 24.65
N GLN B 386 1.33 11.98 23.57
CA GLN B 386 1.33 13.42 23.32
C GLN B 386 -0.06 14.01 23.25
N ARG B 387 -0.97 13.28 22.64
CA ARG B 387 -2.33 13.75 22.54
C ARG B 387 -2.84 14.08 23.93
N LEU B 389 -1.08 14.49 26.80
CA LEU B 389 -0.34 15.57 27.46
C LEU B 389 -0.90 16.91 26.98
N PHE B 390 -0.63 17.30 25.73
CA PHE B 390 -1.20 18.51 25.13
C PHE B 390 -2.60 18.89 25.69
N LYS B 391 -3.51 17.93 25.79
CA LYS B 391 -4.89 18.21 26.22
C LYS B 391 -5.06 18.46 27.73
N ASN B 392 -4.42 17.61 28.55
CA ASN B 392 -4.65 17.60 30.01
C ASN B 392 -3.59 18.35 30.82
N ASN B 393 -2.43 18.59 30.20
CA ASN B 393 -1.40 19.42 30.81
C ASN B 393 -1.86 20.86 30.82
N PRO B 394 -1.80 21.51 32.00
CA PRO B 394 -2.50 22.76 32.29
C PRO B 394 -1.76 24.01 31.83
N LYS B 395 -2.41 25.16 31.94
CA LYS B 395 -1.81 26.43 31.49
C LYS B 395 -0.77 26.98 32.47
N LYS B 396 0.42 27.31 31.96
CA LYS B 396 1.52 27.87 32.77
C LYS B 396 1.30 29.34 33.19
N ILE B 397 1.71 29.68 34.42
CA ILE B 397 1.57 31.07 34.95
C ILE B 397 2.88 31.67 35.48
N TYR B 398 3.01 32.98 35.27
CA TYR B 398 4.10 33.80 35.82
C TYR B 398 3.51 34.80 36.79
N VAL B 399 3.84 34.61 38.07
CA VAL B 399 3.52 35.58 39.08
C VAL B 399 4.60 36.64 39.02
N TYR B 400 4.15 37.89 38.96
CA TYR B 400 5.05 39.02 38.95
C TYR B 400 4.53 39.97 40.01
N THR B 401 5.43 40.35 40.93
CA THR B 401 5.08 41.32 41.97
C THR B 401 6.25 42.24 42.26
N SER B 402 5.95 43.52 42.51
CA SER B 402 6.99 44.50 42.77
C SER B 402 7.30 44.61 44.26
N GLN B 403 7.15 43.49 44.98
CA GLN B 403 7.10 43.49 46.44
C GLN B 403 8.15 42.56 47.07
N GLY B 404 8.88 41.81 46.25
CA GLY B 404 9.97 40.96 46.72
C GLY B 404 9.69 39.52 46.34
N CYS B 405 10.72 38.69 46.43
CA CYS B 405 10.57 37.29 46.03
C CYS B 405 9.75 36.45 47.04
N ILE B 406 9.57 36.97 48.26
CA ILE B 406 8.80 36.28 49.30
C ILE B 406 7.30 36.51 49.12
N HIS B 407 6.91 37.71 48.75
CA HIS B 407 5.54 37.95 48.28
C HIS B 407 5.22 37.14 47.02
N ARG B 408 6.21 36.98 46.15
CA ARG B 408 6.05 36.24 44.90
C ARG B 408 5.75 34.78 45.21
N GLU B 409 6.55 34.18 46.09
CA GLU B 409 6.32 32.81 46.50
C GLU B 409 4.98 32.63 47.21
N TYR B 410 4.65 33.55 48.10
CA TYR B 410 3.41 33.46 48.87
C TYR B 410 2.20 33.46 47.96
N ILE B 411 2.14 34.40 47.03
CA ILE B 411 1.02 34.48 46.10
C ILE B 411 0.95 33.20 45.23
N SER B 412 2.10 32.70 44.83
CA SER B 412 2.19 31.44 44.07
C SER B 412 1.55 30.27 44.81
N ALA B 413 1.76 30.22 46.12
CA ALA B 413 1.25 29.12 46.92
C ALA B 413 -0.26 29.28 47.16
N LEU B 414 -0.71 30.52 47.30
CA LEU B 414 -2.14 30.80 47.38
C LEU B 414 -2.87 30.21 46.19
N LEU B 415 -2.41 30.57 44.99
CA LEU B 415 -3.00 30.11 43.73
C LEU B 415 -3.06 28.59 43.66
N GLU B 416 -1.92 27.94 43.88
CA GLU B 416 -1.87 26.48 43.93
C GLU B 416 -2.92 25.92 44.90
N LYS B 417 -3.03 26.51 46.08
CA LYS B 417 -4.05 26.09 47.05
C LYS B 417 -5.50 26.40 46.60
N ARG B 418 -5.66 27.13 45.51
CA ARG B 418 -6.98 27.43 45.02
C ARG B 418 -7.34 26.52 43.87
N TYR B 419 -6.49 26.50 42.86
CA TYR B 419 -6.79 25.86 41.59
C TYR B 419 -6.17 24.49 41.39
N ASN B 420 -5.15 24.16 42.18
CA ASN B 420 -4.50 22.83 42.20
C ASN B 420 -3.73 22.53 40.91
N GLY B 421 -4.10 21.45 40.20
CA GLY B 421 -3.48 21.07 38.95
C GLY B 421 -4.07 21.68 37.68
N LEU B 422 -5.02 22.61 37.83
CA LEU B 422 -5.54 23.37 36.68
C LEU B 422 -4.56 24.47 36.20
N ILE B 423 -3.42 24.60 36.89
CA ILE B 423 -2.37 25.59 36.59
C ILE B 423 -0.99 25.03 36.93
N LYS B 424 0.08 25.67 36.44
CA LYS B 424 1.44 25.26 36.79
C LYS B 424 2.37 26.47 36.85
N ILE B 425 2.93 26.73 38.03
CA ILE B 425 3.67 27.96 38.29
C ILE B 425 5.11 27.86 37.77
N VAL B 426 5.57 28.93 37.13
CA VAL B 426 6.94 29.02 36.64
C VAL B 426 7.79 29.79 37.66
N ARG B 427 8.54 29.04 38.46
CA ARG B 427 9.34 29.59 39.55
C ARG B 427 10.65 30.26 39.09
N ASN B 428 10.93 30.26 37.79
CA ASN B 428 12.14 30.88 37.24
C ASN B 428 11.92 32.38 37.03
N THR B 429 12.99 33.17 37.07
CA THR B 429 12.90 34.66 37.07
C THR B 429 12.96 35.27 35.66
N ILE B 430 12.60 36.55 35.51
CA ILE B 430 12.80 37.27 34.23
C ILE B 430 14.29 37.48 33.96
N ASP B 440 8.91 32.96 25.96
CA ASP B 440 9.86 31.92 25.59
C ASP B 440 10.06 30.80 26.63
N GLU B 442 7.50 29.03 27.84
CA GLU B 442 6.23 28.28 27.77
C GLU B 442 5.04 28.97 28.48
N ILE B 443 5.08 30.29 28.60
CA ILE B 443 4.12 31.01 29.46
C ILE B 443 2.88 31.48 28.70
N ASP B 444 1.72 31.37 29.35
CA ASP B 444 0.46 31.82 28.78
C ASP B 444 -0.11 33.04 29.52
N ILE B 445 -0.19 32.94 30.85
CA ILE B 445 -0.94 33.91 31.67
C ILE B 445 -0.06 34.58 32.74
N ILE B 446 -0.25 35.89 32.94
CA ILE B 446 0.54 36.69 33.88
C ILE B 446 -0.36 37.32 34.95
N ILE B 447 -0.17 36.85 36.19
CA ILE B 447 -0.80 37.42 37.35
C ILE B 447 0.16 38.42 37.96
N SER B 448 -0.33 39.64 38.14
CA SER B 448 0.51 40.75 38.58
C SER B 448 -0.34 41.83 39.22
N ASN B 449 0.32 42.91 39.63
CA ASN B 449 -0.37 44.05 40.21
C ASN B 449 0.34 45.35 39.86
N GLU B 464 -2.73 43.05 45.97
CA GLU B 464 -1.47 42.52 46.49
C GLU B 464 -1.68 41.19 47.21
N PHE B 465 -2.85 41.01 47.80
CA PHE B 465 -3.29 39.70 48.25
C PHE B 465 -4.63 39.54 47.56
N PRO B 466 -4.79 38.49 46.74
CA PRO B 466 -6.01 38.38 45.93
C PRO B 466 -7.32 38.27 46.72
N THR B 467 -8.40 38.83 46.18
CA THR B 467 -9.75 38.65 46.71
C THR B 467 -10.60 37.90 45.67
N GLU B 468 -11.91 37.78 45.93
CA GLU B 468 -12.83 37.10 45.01
C GLU B 468 -12.83 37.79 43.64
N ARG B 469 -12.95 39.12 43.63
CA ARG B 469 -12.80 39.93 42.42
C ARG B 469 -11.62 39.44 41.56
N ASP B 470 -10.48 39.23 42.20
CA ASP B 470 -9.30 38.71 41.52
C ASP B 470 -9.47 37.22 41.15
N PHE B 471 -10.10 36.43 42.03
CA PHE B 471 -10.21 34.98 41.80
C PHE B 471 -11.09 34.54 40.64
N HIS B 472 -12.35 34.96 40.60
CA HIS B 472 -13.21 34.62 39.47
C HIS B 472 -12.59 35.12 38.15
N GLU B 473 -11.86 36.23 38.19
CA GLU B 473 -11.12 36.74 37.02
C GLU B 473 -10.07 35.75 36.56
N ILE B 474 -9.43 35.07 37.51
CA ILE B 474 -8.39 34.11 37.21
C ILE B 474 -8.98 32.79 36.71
N LYS B 475 -10.18 32.45 37.13
CA LYS B 475 -10.83 31.23 36.64
C LYS B 475 -10.87 31.21 35.10
N LYS B 476 -11.35 32.31 34.52
CA LYS B 476 -11.40 32.49 33.05
C LYS B 476 -10.02 32.71 32.44
#